data_1PD1
#
_entry.id   1PD1
#
_cell.length_a   93.949
_cell.length_b   93.949
_cell.length_c   199.927
_cell.angle_alpha   90.00
_cell.angle_beta   90.00
_cell.angle_gamma   120.00
#
_symmetry.space_group_name_H-M   'P 32 2 1'
#
loop_
_entity.id
_entity.type
_entity.pdbx_description
1 polymer 'Protein transport protein Sec24'
2 polymer 'DxE cargo sorting signal peptide of yeast Sys1 protein'
3 non-polymer 'ZINC ION'
4 water water
#
loop_
_entity_poly.entity_id
_entity_poly.type
_entity_poly.pdbx_seq_one_letter_code
_entity_poly.pdbx_strand_id
1 'polypeptide(L)'
;AAPAYGQPSAAMGQNMRPMNQLYPIDLLTELPPPITDLTLPPPPLVIPPERMLVPSELSNASPDYIRSTLNAVPKNSSLL
KKSKLPFGLVIRPYQHLYDDIDPPPLNEDGLIVRCRRCRSYMNPFVTFIEQGRRWRCNFCRLANDVPMQMDQSDPNDPKS
RYDRNEIKCAVMEYMAPKEYTLRQPPPATYCFLIDVSQSSIKSGLLATTINTLLQNLDSIPNHDERTRISILCVDNAIHY
FKIPLDSENNEESADQINMMDIADLEEPFLPRPNSMVVSLKACRQNIETLLTKIPQIFQSNLITNFALGPALKSAYHLIG
GVGGKIIVVSGTLPNLGIGKLQRRNESGVVNTSKETAQLLSCQDSFYKNFTIDCSKVQITVDLFLASEDYMDVASLSNLS
RFTAGQTHFYPGFSGKNPNDIVKFSTEFAKHISMDFCMETVMRARGSTGLRMSRFYGHFFNRSSDLCAFSTMPRDQSYLF
EVNVDESIMADYCYVQVAVLLSLNNSQRRIRIITLAMPTTESLAEVYASADQLAIASFYNSKAVEKALNSSLDDARVLIN
KSVQDILATYKKEIVVSNTAGGAPLRLCANLRMFPLLMHSLTKHMAFRSGIVPSDHRASALNNLESLPLKYLIKNIYPDV
YSLHDMADEAGLPVQTEDGEATGTIVLPQPINATSSLFERYGLYLIDNGNELFLWMGGDAVPALVFDVFGTQDIFDIPIG
KQEIPVVENSEFNQRVRNIINQLRNHDDVITYQSLYIVRGASLSEPVNHASAREVATLRLWASSTLVEDKILNNESYREF
LQIMKARISK
;
A
2 'polypeptide(L)' QLKDLESQI B
#
loop_
_chem_comp.id
_chem_comp.type
_chem_comp.name
_chem_comp.formula
ZN non-polymer 'ZINC ION' 'Zn 2'
#
# COMPACT_ATOMS: atom_id res chain seq x y z
N ARG A 17 27.00 10.19 -23.23
CA ARG A 17 26.84 9.88 -21.79
C ARG A 17 26.54 8.40 -21.57
N PRO A 18 26.85 7.89 -20.37
CA PRO A 18 26.63 6.48 -20.03
C PRO A 18 25.17 6.02 -19.96
N MET A 19 24.41 6.22 -21.04
CA MET A 19 23.01 5.78 -21.06
C MET A 19 22.95 4.25 -20.89
N ASN A 20 22.07 3.79 -20.01
CA ASN A 20 21.92 2.35 -19.75
C ASN A 20 21.89 1.56 -21.04
N GLN A 21 22.67 0.49 -21.11
CA GLN A 21 22.71 -0.33 -22.31
C GLN A 21 21.74 -1.51 -22.32
N LEU A 22 21.27 -1.83 -23.52
CA LEU A 22 20.35 -2.94 -23.74
C LEU A 22 21.10 -4.27 -23.59
N TYR A 23 20.52 -5.20 -22.81
CA TYR A 23 21.09 -6.53 -22.64
C TYR A 23 20.06 -7.56 -23.08
N PRO A 24 20.05 -7.88 -24.39
CA PRO A 24 19.10 -8.85 -24.97
C PRO A 24 19.21 -10.25 -24.40
N ILE A 25 18.06 -10.87 -24.16
CA ILE A 25 17.98 -12.22 -23.62
C ILE A 25 16.85 -12.99 -24.29
N ASP A 26 16.88 -14.30 -24.15
CA ASP A 26 15.85 -15.18 -24.71
C ASP A 26 15.05 -15.70 -23.51
N LEU A 27 13.82 -15.26 -23.38
CA LEU A 27 13.00 -15.70 -22.26
C LEU A 27 12.92 -17.22 -22.15
N LEU A 28 12.94 -17.89 -23.30
CA LEU A 28 12.84 -19.34 -23.38
C LEU A 28 14.06 -20.07 -22.80
N THR A 29 15.13 -19.33 -22.59
CA THR A 29 16.36 -19.87 -22.05
C THR A 29 16.43 -19.66 -20.55
N GLU A 30 15.47 -18.91 -20.03
CA GLU A 30 15.45 -18.59 -18.61
C GLU A 30 14.30 -19.21 -17.83
N LEU A 31 14.05 -20.48 -18.08
CA LEU A 31 12.99 -21.18 -17.36
C LEU A 31 13.65 -22.30 -16.59
N PRO A 32 13.40 -22.38 -15.27
CA PRO A 32 12.56 -21.47 -14.49
C PRO A 32 13.15 -20.06 -14.44
N PRO A 33 12.29 -19.04 -14.31
CA PRO A 33 12.69 -17.64 -14.26
C PRO A 33 13.64 -17.36 -13.10
N PRO A 34 14.59 -16.43 -13.29
CA PRO A 34 15.59 -16.02 -12.29
C PRO A 34 14.87 -15.02 -11.39
N ILE A 35 13.94 -15.52 -10.59
CA ILE A 35 13.14 -14.67 -9.72
C ILE A 35 13.90 -13.80 -8.72
N THR A 36 15.21 -13.99 -8.59
CA THR A 36 15.98 -13.15 -7.68
C THR A 36 15.96 -11.72 -8.24
N ASP A 37 15.61 -11.61 -9.51
CA ASP A 37 15.52 -10.33 -10.21
C ASP A 37 14.48 -9.42 -9.57
N LEU A 38 13.48 -10.01 -8.92
CA LEU A 38 12.42 -9.24 -8.29
C LEU A 38 12.93 -8.39 -7.14
N THR A 39 14.14 -8.69 -6.66
CA THR A 39 14.71 -7.95 -5.54
C THR A 39 15.82 -6.99 -5.99
N LEU A 40 15.99 -6.85 -7.29
CA LEU A 40 17.00 -5.95 -7.84
C LEU A 40 16.45 -4.53 -7.96
N PRO A 41 17.34 -3.52 -7.88
CA PRO A 41 16.92 -2.11 -7.99
C PRO A 41 16.61 -1.81 -9.45
N PRO A 42 15.78 -0.80 -9.70
CA PRO A 42 15.43 -0.45 -11.09
C PRO A 42 16.63 0.05 -11.89
N PRO A 43 16.45 0.25 -13.20
CA PRO A 43 17.58 0.73 -13.98
C PRO A 43 18.06 2.08 -13.43
N PRO A 44 19.37 2.34 -13.47
CA PRO A 44 19.93 3.61 -12.96
C PRO A 44 19.41 4.84 -13.67
N LEU A 45 19.29 5.93 -12.91
CA LEU A 45 18.88 7.23 -13.44
C LEU A 45 20.20 7.89 -13.82
N VAL A 46 20.58 7.80 -15.10
CA VAL A 46 21.83 8.38 -15.57
C VAL A 46 21.83 9.90 -15.61
N ILE A 47 22.39 10.51 -14.56
CA ILE A 47 22.44 11.96 -14.48
C ILE A 47 23.86 12.41 -14.17
N PRO A 48 24.50 13.11 -15.11
CA PRO A 48 25.87 13.56 -14.84
C PRO A 48 25.87 14.51 -13.65
N PRO A 49 26.98 14.54 -12.89
CA PRO A 49 27.18 15.38 -11.70
C PRO A 49 26.95 16.88 -11.91
N GLU A 50 27.23 17.36 -13.12
CA GLU A 50 27.05 18.78 -13.42
C GLU A 50 25.61 19.25 -13.32
N ARG A 51 24.67 18.36 -13.62
CA ARG A 51 23.25 18.72 -13.56
C ARG A 51 22.71 18.84 -12.13
N MET A 52 23.55 18.53 -11.15
CA MET A 52 23.16 18.59 -9.75
C MET A 52 23.98 19.65 -8.99
N LEU A 53 23.29 20.49 -8.22
CA LEU A 53 23.95 21.55 -7.45
C LEU A 53 25.03 21.05 -6.51
N VAL A 54 24.71 20.00 -5.75
CA VAL A 54 25.63 19.36 -4.82
C VAL A 54 25.50 17.85 -5.03
N PRO A 55 26.30 17.31 -5.96
CA PRO A 55 26.28 15.88 -6.30
C PRO A 55 26.46 14.91 -5.13
N SER A 56 25.53 13.98 -5.03
CA SER A 56 25.56 12.96 -3.99
C SER A 56 24.50 11.94 -4.35
N GLU A 57 24.37 10.90 -3.54
CA GLU A 57 23.38 9.88 -3.83
C GLU A 57 22.00 10.34 -3.40
N LEU A 58 21.96 11.39 -2.59
CA LEU A 58 20.71 11.93 -2.11
C LEU A 58 20.19 13.03 -3.04
N SER A 59 21.04 13.41 -3.99
CA SER A 59 20.70 14.49 -4.93
C SER A 59 19.57 14.18 -5.91
N ASN A 60 19.33 12.89 -6.18
CA ASN A 60 18.23 12.49 -7.06
C ASN A 60 17.28 11.62 -6.25
N ALA A 61 15.98 11.78 -6.50
CA ALA A 61 14.95 11.04 -5.80
C ALA A 61 15.18 9.54 -5.73
N SER A 62 15.03 8.98 -4.53
CA SER A 62 15.20 7.55 -4.30
C SER A 62 14.02 6.74 -4.82
N PRO A 63 14.27 5.49 -5.22
CA PRO A 63 13.21 4.62 -5.73
C PRO A 63 12.15 4.31 -4.66
N ASP A 64 12.53 4.47 -3.40
CA ASP A 64 11.62 4.20 -2.28
C ASP A 64 10.51 5.24 -2.23
N TYR A 65 10.79 6.45 -2.71
CA TYR A 65 9.80 7.52 -2.74
C TYR A 65 9.12 7.65 -4.09
N ILE A 66 9.89 7.53 -5.17
CA ILE A 66 9.29 7.65 -6.49
C ILE A 66 10.02 6.82 -7.53
N ARG A 67 9.25 6.13 -8.35
CA ARG A 67 9.78 5.30 -9.41
C ARG A 67 9.06 5.53 -10.73
N SER A 68 9.77 6.05 -11.71
CA SER A 68 9.17 6.25 -13.00
C SER A 68 9.25 4.92 -13.72
N THR A 69 8.22 4.64 -14.52
CA THR A 69 8.16 3.42 -15.31
C THR A 69 9.32 3.50 -16.30
N LEU A 70 9.71 4.72 -16.65
CA LEU A 70 10.77 4.98 -17.61
C LEU A 70 11.86 5.89 -17.07
N ASN A 71 13.06 5.36 -16.86
CA ASN A 71 14.14 6.18 -16.33
C ASN A 71 14.98 6.80 -17.44
N ALA A 72 14.44 6.73 -18.65
CA ALA A 72 15.04 7.30 -19.86
C ALA A 72 13.79 7.71 -20.61
N VAL A 73 13.33 8.91 -20.36
CA VAL A 73 12.10 9.39 -20.95
C VAL A 73 12.14 9.69 -22.45
N PRO A 74 11.18 9.15 -23.20
CA PRO A 74 11.10 9.38 -24.65
C PRO A 74 11.11 10.88 -24.85
N LYS A 75 11.87 11.36 -25.82
CA LYS A 75 11.94 12.80 -26.06
C LYS A 75 10.68 13.37 -26.72
N ASN A 76 9.78 12.50 -27.18
CA ASN A 76 8.56 12.97 -27.83
C ASN A 76 7.42 11.94 -27.84
N SER A 77 6.22 12.42 -28.13
CA SER A 77 5.01 11.59 -28.17
C SER A 77 5.10 10.37 -29.05
N SER A 78 5.41 10.57 -30.33
CA SER A 78 5.48 9.47 -31.26
C SER A 78 6.43 8.35 -30.81
N LEU A 79 7.47 8.72 -30.07
CA LEU A 79 8.41 7.70 -29.59
C LEU A 79 7.79 6.96 -28.41
N LEU A 80 7.09 7.69 -27.55
CA LEU A 80 6.47 7.08 -26.39
C LEU A 80 5.43 6.07 -26.87
N LYS A 81 4.62 6.48 -27.81
CA LYS A 81 3.58 5.63 -28.36
C LYS A 81 4.17 4.39 -29.05
N LYS A 82 5.26 4.57 -29.79
CA LYS A 82 5.87 3.45 -30.49
C LYS A 82 6.43 2.41 -29.52
N SER A 83 7.06 2.86 -28.44
CA SER A 83 7.63 1.93 -27.47
C SER A 83 6.58 0.99 -26.88
N LYS A 84 5.35 1.49 -26.77
CA LYS A 84 4.26 0.72 -26.19
C LYS A 84 4.43 0.52 -24.68
N LEU A 85 5.42 1.19 -24.10
CA LEU A 85 5.66 1.12 -22.66
C LEU A 85 4.86 2.26 -22.02
N PRO A 86 4.32 2.04 -20.80
CA PRO A 86 3.55 3.12 -20.16
C PRO A 86 4.45 4.11 -19.42
N PHE A 87 3.95 5.33 -19.23
CA PHE A 87 4.70 6.35 -18.50
C PHE A 87 3.89 6.69 -17.24
N GLY A 88 4.36 6.17 -16.10
CA GLY A 88 3.66 6.41 -14.85
C GLY A 88 4.62 6.55 -13.70
N LEU A 89 4.11 6.97 -12.55
CA LEU A 89 4.95 7.15 -11.38
C LEU A 89 4.40 6.45 -10.16
N VAL A 90 5.21 5.60 -9.54
CA VAL A 90 4.78 4.93 -8.33
C VAL A 90 5.28 5.87 -7.24
N ILE A 91 4.35 6.61 -6.63
CA ILE A 91 4.66 7.57 -5.59
C ILE A 91 4.28 7.06 -4.20
N ARG A 92 5.20 7.24 -3.25
CA ARG A 92 4.99 6.78 -1.88
C ARG A 92 5.65 7.78 -0.94
N PRO A 93 4.87 8.78 -0.47
CA PRO A 93 5.32 9.84 0.44
C PRO A 93 6.03 9.37 1.70
N TYR A 94 5.50 8.34 2.35
CA TYR A 94 6.09 7.81 3.57
C TYR A 94 6.53 6.36 3.47
N GLN A 95 7.59 6.02 4.20
CA GLN A 95 8.16 4.68 4.16
C GLN A 95 7.90 3.78 5.37
N HIS A 96 7.42 4.33 6.47
CA HIS A 96 7.18 3.52 7.67
C HIS A 96 5.92 3.96 8.41
N LEU A 97 5.37 3.08 9.24
CA LEU A 97 4.17 3.41 10.01
C LEU A 97 4.46 4.53 10.99
N TYR A 98 5.73 4.69 11.35
CA TYR A 98 6.11 5.70 12.32
C TYR A 98 7.12 6.67 11.75
N ASP A 99 6.76 7.95 11.80
CA ASP A 99 7.59 9.01 11.26
C ASP A 99 8.95 9.20 11.90
N ASP A 100 9.21 8.53 13.01
CA ASP A 100 10.50 8.67 13.68
C ASP A 100 11.55 7.81 12.99
N ILE A 101 11.09 6.89 12.14
CA ILE A 101 11.97 6.00 11.41
C ILE A 101 12.39 6.64 10.10
N ASP A 102 13.68 6.87 9.93
CA ASP A 102 14.26 7.43 8.71
C ASP A 102 13.66 8.67 8.04
N PRO A 103 13.29 9.71 8.82
CA PRO A 103 12.71 10.93 8.23
C PRO A 103 13.67 11.68 7.30
N PRO A 104 13.13 12.41 6.30
CA PRO A 104 13.99 13.16 5.39
C PRO A 104 14.43 14.44 6.09
N PRO A 105 15.46 15.12 5.56
CA PRO A 105 15.90 16.36 6.22
C PRO A 105 14.70 17.30 6.38
N LEU A 106 14.68 18.08 7.46
CA LEU A 106 13.56 18.99 7.69
C LEU A 106 13.99 20.44 7.84
N ASN A 107 13.50 21.30 6.93
CA ASN A 107 13.79 22.73 6.95
C ASN A 107 12.92 23.45 7.98
N GLU A 108 13.48 24.46 8.64
CA GLU A 108 12.72 25.19 9.64
C GLU A 108 12.78 26.71 9.58
N ASP A 109 13.74 27.28 8.85
CA ASP A 109 13.83 28.73 8.80
C ASP A 109 12.67 29.43 8.11
N GLY A 110 11.82 28.66 7.45
CA GLY A 110 10.65 29.25 6.79
C GLY A 110 10.82 29.74 5.36
N LEU A 111 12.05 29.80 4.87
CA LEU A 111 12.31 30.25 3.51
C LEU A 111 11.92 29.18 2.49
N ILE A 112 10.92 29.47 1.67
CA ILE A 112 10.44 28.56 0.64
C ILE A 112 10.61 29.20 -0.73
N VAL A 113 11.69 28.87 -1.43
CA VAL A 113 11.93 29.46 -2.75
C VAL A 113 11.19 28.72 -3.86
N ARG A 114 10.31 29.44 -4.56
CA ARG A 114 9.51 28.86 -5.63
C ARG A 114 9.49 29.70 -6.89
N CYS A 115 9.36 29.04 -8.03
CA CYS A 115 9.31 29.73 -9.32
C CYS A 115 7.99 30.48 -9.48
N ARG A 116 8.08 31.75 -9.85
CA ARG A 116 6.90 32.60 -10.04
C ARG A 116 5.81 32.05 -10.95
N ARG A 117 6.20 31.41 -12.06
CA ARG A 117 5.22 30.89 -13.00
C ARG A 117 4.63 29.48 -12.79
N CYS A 118 5.48 28.46 -12.67
CA CYS A 118 4.96 27.11 -12.49
C CYS A 118 4.78 26.70 -11.03
N ARG A 119 5.38 27.46 -10.12
CA ARG A 119 5.28 27.21 -8.67
C ARG A 119 6.10 26.04 -8.15
N SER A 120 7.00 25.52 -8.99
CA SER A 120 7.85 24.41 -8.59
C SER A 120 8.77 24.90 -7.48
N TYR A 121 9.29 23.97 -6.69
CA TYR A 121 10.17 24.31 -5.59
C TYR A 121 11.64 24.19 -5.92
N MET A 122 12.43 25.06 -5.31
CA MET A 122 13.89 25.07 -5.48
C MET A 122 14.33 23.62 -5.32
N ASN A 123 15.24 23.17 -6.16
CA ASN A 123 15.68 21.78 -6.09
C ASN A 123 17.08 21.60 -6.65
N PRO A 124 17.66 20.40 -6.47
CA PRO A 124 19.00 20.07 -6.95
C PRO A 124 19.31 20.30 -8.43
N PHE A 125 18.28 20.51 -9.24
CA PHE A 125 18.51 20.67 -10.67
C PHE A 125 18.37 22.06 -11.26
N VAL A 126 18.09 23.06 -10.42
CA VAL A 126 17.96 24.41 -10.94
C VAL A 126 19.36 24.85 -11.32
N THR A 127 19.45 25.87 -12.17
CA THR A 127 20.74 26.37 -12.59
C THR A 127 20.88 27.77 -12.06
N PHE A 128 21.93 28.04 -11.31
CA PHE A 128 22.13 29.38 -10.81
C PHE A 128 22.78 30.20 -11.92
N ILE A 129 22.18 31.34 -12.21
CA ILE A 129 22.69 32.19 -13.28
C ILE A 129 23.05 33.60 -12.82
N GLU A 130 23.86 34.26 -13.64
CA GLU A 130 24.30 35.64 -13.40
C GLU A 130 24.92 35.83 -12.02
N GLN A 131 26.14 35.36 -11.86
CA GLN A 131 26.87 35.47 -10.59
C GLN A 131 26.11 34.78 -9.46
N GLY A 132 25.02 34.10 -9.81
CA GLY A 132 24.24 33.43 -8.79
C GLY A 132 23.26 34.37 -8.14
N ARG A 133 22.83 35.38 -8.87
CA ARG A 133 21.87 36.35 -8.34
C ARG A 133 20.49 35.86 -8.68
N ARG A 134 20.39 35.04 -9.71
CA ARG A 134 19.11 34.50 -10.14
C ARG A 134 19.20 33.02 -10.42
N TRP A 135 18.06 32.37 -10.54
CA TRP A 135 18.02 30.95 -10.84
C TRP A 135 17.01 30.62 -11.92
N ARG A 136 17.45 29.77 -12.84
CA ARG A 136 16.62 29.34 -13.94
C ARG A 136 15.88 28.07 -13.52
N CYS A 137 14.56 28.13 -13.55
CA CYS A 137 13.73 26.98 -13.18
C CYS A 137 13.96 25.82 -14.13
N ASN A 138 14.26 24.64 -13.59
CA ASN A 138 14.49 23.46 -14.42
C ASN A 138 13.19 22.89 -15.01
N PHE A 139 12.04 23.28 -14.46
CA PHE A 139 10.77 22.79 -14.98
C PHE A 139 10.21 23.64 -16.12
N CYS A 140 10.33 24.96 -16.01
CA CYS A 140 9.81 25.83 -17.06
C CYS A 140 10.80 26.86 -17.57
N ARG A 141 12.06 26.75 -17.17
CA ARG A 141 13.09 27.67 -17.63
C ARG A 141 12.90 29.14 -17.29
N LEU A 142 11.90 29.46 -16.47
CA LEU A 142 11.73 30.87 -16.11
C LEU A 142 12.90 31.34 -15.25
N ALA A 143 13.29 32.60 -15.43
CA ALA A 143 14.38 33.17 -14.66
C ALA A 143 13.78 33.76 -13.38
N ASN A 144 14.28 33.34 -12.23
CA ASN A 144 13.77 33.82 -10.95
C ASN A 144 14.87 34.48 -10.12
N ASP A 145 14.47 35.40 -9.25
CA ASP A 145 15.43 36.11 -8.41
C ASP A 145 15.76 35.29 -7.17
N VAL A 146 17.04 35.30 -6.79
CA VAL A 146 17.50 34.58 -5.61
C VAL A 146 17.33 35.47 -4.39
N PRO A 147 16.50 35.07 -3.42
CA PRO A 147 16.27 35.87 -2.22
C PRO A 147 17.57 36.09 -1.45
N MET A 148 17.76 37.29 -0.92
CA MET A 148 18.97 37.59 -0.15
C MET A 148 19.09 36.66 1.05
N GLN A 149 17.98 36.12 1.53
CA GLN A 149 18.00 35.20 2.67
C GLN A 149 18.89 33.99 2.42
N MET A 150 18.73 33.37 1.26
CA MET A 150 19.49 32.18 0.87
C MET A 150 20.94 32.16 1.34
N ASP A 151 21.57 33.32 1.38
CA ASP A 151 22.96 33.39 1.78
C ASP A 151 23.26 33.98 3.16
N GLN A 152 22.34 33.78 4.11
CA GLN A 152 22.57 34.28 5.46
C GLN A 152 23.11 33.19 6.36
N PRO A 158 28.41 29.31 10.01
CA PRO A 158 28.77 29.83 8.68
C PRO A 158 28.34 28.89 7.54
N LYS A 159 27.36 29.32 6.75
CA LYS A 159 26.85 28.51 5.66
C LYS A 159 26.41 29.28 4.41
N SER A 160 26.48 28.61 3.27
CA SER A 160 26.07 29.19 2.00
C SER A 160 24.79 28.49 1.56
N ARG A 161 24.20 28.98 0.48
CA ARG A 161 22.97 28.42 -0.05
C ARG A 161 23.14 26.93 -0.33
N TYR A 162 24.38 26.54 -0.63
CA TYR A 162 24.70 25.15 -0.95
C TYR A 162 24.68 24.21 0.25
N ASP A 163 24.43 24.77 1.42
CA ASP A 163 24.35 23.96 2.64
C ASP A 163 22.89 23.63 2.90
N ARG A 164 21.99 24.26 2.16
CA ARG A 164 20.55 24.05 2.36
C ARG A 164 20.00 22.72 1.79
N ASN A 165 19.16 22.07 2.59
CA ASN A 165 18.58 20.79 2.21
C ASN A 165 17.87 20.78 0.86
N GLU A 166 17.16 21.86 0.55
CA GLU A 166 16.44 21.93 -0.72
C GLU A 166 17.37 21.99 -1.92
N ILE A 167 18.63 22.33 -1.68
CA ILE A 167 19.61 22.37 -2.75
C ILE A 167 20.42 21.06 -2.72
N LYS A 168 20.55 20.49 -1.52
CA LYS A 168 21.29 19.25 -1.32
C LYS A 168 20.47 17.97 -1.59
N CYS A 169 19.17 18.00 -1.31
CA CYS A 169 18.36 16.79 -1.47
C CYS A 169 17.17 16.82 -2.41
N ALA A 170 16.93 15.68 -3.04
CA ALA A 170 15.81 15.50 -3.94
C ALA A 170 14.57 15.34 -3.05
N VAL A 171 14.72 14.59 -1.97
CA VAL A 171 13.61 14.38 -1.03
C VAL A 171 13.88 15.11 0.28
N MET A 172 13.05 16.10 0.59
CA MET A 172 13.20 16.85 1.83
C MET A 172 11.87 17.48 2.28
N GLU A 173 11.90 18.18 3.41
CA GLU A 173 10.68 18.74 3.94
C GLU A 173 10.85 20.13 4.58
N TYR A 174 9.79 20.94 4.52
CA TYR A 174 9.82 22.26 5.11
C TYR A 174 8.71 22.46 6.12
N MET A 175 8.93 23.43 7.00
CA MET A 175 7.95 23.83 7.98
C MET A 175 7.18 24.89 7.20
N ALA A 176 5.92 24.61 6.87
CA ALA A 176 5.13 25.54 6.09
C ALA A 176 4.77 26.84 6.79
N PRO A 177 4.98 27.98 6.11
CA PRO A 177 4.67 29.31 6.65
C PRO A 177 3.15 29.47 6.78
N LYS A 178 2.73 30.54 7.44
CA LYS A 178 1.30 30.80 7.66
C LYS A 178 0.40 30.77 6.43
N GLU A 179 0.87 31.30 5.30
CA GLU A 179 0.05 31.33 4.09
C GLU A 179 -0.26 29.99 3.43
N TYR A 180 0.21 28.88 4.01
CA TYR A 180 -0.10 27.56 3.45
C TYR A 180 -1.18 26.92 4.33
N THR A 181 -1.73 27.72 5.25
CA THR A 181 -2.76 27.26 6.17
C THR A 181 -3.90 28.27 6.31
N LEU A 182 -5.11 27.77 6.56
CA LEU A 182 -6.27 28.63 6.73
C LEU A 182 -6.75 28.56 8.16
N ARG A 183 -6.55 27.40 8.79
CA ARG A 183 -6.95 27.21 10.18
C ARG A 183 -5.82 26.49 10.91
N GLN A 184 -5.61 26.84 12.18
CA GLN A 184 -4.56 26.22 12.97
C GLN A 184 -4.60 24.71 12.84
N PRO A 185 -3.42 24.07 12.66
CA PRO A 185 -3.38 22.62 12.53
C PRO A 185 -4.26 21.94 13.59
N PRO A 186 -5.03 20.93 13.18
CA PRO A 186 -5.94 20.20 14.08
C PRO A 186 -5.24 19.12 14.88
N PRO A 187 -5.92 18.62 15.92
CA PRO A 187 -5.38 17.56 16.77
C PRO A 187 -5.80 16.25 16.10
N ALA A 188 -5.12 15.16 16.39
CA ALA A 188 -5.48 13.89 15.80
C ALA A 188 -6.82 13.49 16.44
N THR A 189 -7.86 13.39 15.63
CA THR A 189 -9.17 13.03 16.14
C THR A 189 -9.62 11.64 15.70
N TYR A 190 -10.08 10.83 16.65
CA TYR A 190 -10.53 9.48 16.35
C TYR A 190 -11.95 9.26 16.84
N CYS A 191 -12.75 8.60 16.00
CA CYS A 191 -14.12 8.27 16.37
C CYS A 191 -14.29 6.82 15.97
N PHE A 192 -14.31 5.94 16.97
CA PHE A 192 -14.48 4.54 16.69
C PHE A 192 -15.96 4.19 16.65
N LEU A 193 -16.40 3.74 15.47
CA LEU A 193 -17.80 3.36 15.27
C LEU A 193 -17.83 1.84 15.38
N ILE A 194 -18.32 1.37 16.52
CA ILE A 194 -18.34 -0.06 16.79
C ILE A 194 -19.68 -0.75 16.76
N ASP A 195 -19.72 -1.85 16.03
CA ASP A 195 -20.91 -2.67 15.88
C ASP A 195 -21.09 -3.52 17.15
N VAL A 196 -22.17 -3.29 17.87
CA VAL A 196 -22.44 -4.03 19.08
C VAL A 196 -23.69 -4.89 18.95
N SER A 197 -24.15 -5.08 17.72
CA SER A 197 -25.32 -5.91 17.46
C SER A 197 -24.92 -7.35 17.84
N GLN A 198 -25.89 -8.26 17.83
CA GLN A 198 -25.65 -9.66 18.21
C GLN A 198 -24.57 -10.45 17.45
N SER A 199 -24.47 -10.25 16.14
CA SER A 199 -23.47 -10.97 15.35
C SER A 199 -22.08 -10.67 15.91
N SER A 200 -21.91 -9.45 16.39
CA SER A 200 -20.65 -8.99 16.94
C SER A 200 -20.35 -9.58 18.32
N ILE A 201 -21.39 -9.73 19.12
CA ILE A 201 -21.25 -10.32 20.45
C ILE A 201 -20.81 -11.77 20.26
N LYS A 202 -21.61 -12.55 19.55
CA LYS A 202 -21.31 -13.96 19.30
C LYS A 202 -19.95 -14.28 18.70
N SER A 203 -19.53 -13.52 17.71
CA SER A 203 -18.25 -13.76 17.06
C SER A 203 -17.06 -13.38 17.93
N GLY A 204 -17.31 -12.51 18.91
CA GLY A 204 -16.25 -12.07 19.79
C GLY A 204 -15.59 -10.81 19.27
N LEU A 205 -16.09 -10.28 18.15
CA LEU A 205 -15.51 -9.08 17.57
C LEU A 205 -15.52 -7.90 18.54
N LEU A 206 -16.64 -7.69 19.23
CA LEU A 206 -16.74 -6.57 20.17
C LEU A 206 -15.72 -6.72 21.29
N ALA A 207 -15.62 -7.92 21.83
CA ALA A 207 -14.68 -8.19 22.90
C ALA A 207 -13.26 -7.95 22.40
N THR A 208 -12.91 -8.58 21.29
CA THR A 208 -11.58 -8.44 20.73
C THR A 208 -11.24 -6.98 20.46
N THR A 209 -12.23 -6.22 19.99
CA THR A 209 -12.02 -4.82 19.67
C THR A 209 -11.82 -4.00 20.93
N ILE A 210 -12.67 -4.25 21.93
CA ILE A 210 -12.57 -3.52 23.17
C ILE A 210 -11.19 -3.84 23.77
N ASN A 211 -10.85 -5.12 23.82
CA ASN A 211 -9.57 -5.55 24.38
C ASN A 211 -8.37 -4.90 23.71
N THR A 212 -8.35 -4.93 22.39
CA THR A 212 -7.24 -4.33 21.65
C THR A 212 -7.09 -2.84 21.95
N LEU A 213 -8.20 -2.11 21.98
CA LEU A 213 -8.15 -0.68 22.27
C LEU A 213 -7.57 -0.49 23.66
N LEU A 214 -8.09 -1.27 24.60
CA LEU A 214 -7.68 -1.26 26.00
C LEU A 214 -6.20 -1.53 26.11
N GLN A 215 -5.70 -2.40 25.25
CA GLN A 215 -4.30 -2.77 25.25
C GLN A 215 -3.43 -1.82 24.45
N ASN A 216 -4.04 -0.89 23.72
CA ASN A 216 -3.25 0.00 22.90
C ASN A 216 -3.49 1.50 23.00
N LEU A 217 -4.24 1.94 24.00
CA LEU A 217 -4.53 3.36 24.17
C LEU A 217 -3.26 4.21 24.14
N ASP A 218 -2.14 3.61 24.51
CA ASP A 218 -0.86 4.33 24.50
C ASP A 218 -0.09 4.14 23.19
N SER A 219 -0.66 3.35 22.28
CA SER A 219 -0.05 3.12 20.97
C SER A 219 -0.54 4.20 20.02
N ILE A 220 -1.74 4.73 20.28
CA ILE A 220 -2.30 5.77 19.44
C ILE A 220 -1.40 7.01 19.52
N PRO A 221 -1.06 7.61 18.38
CA PRO A 221 -0.21 8.80 18.43
C PRO A 221 -0.83 9.92 19.26
N ASN A 222 0.01 10.64 19.98
CA ASN A 222 -0.41 11.76 20.79
C ASN A 222 0.85 12.60 20.98
N HIS A 223 1.51 12.92 19.87
CA HIS A 223 2.76 13.67 19.90
C HIS A 223 2.63 15.05 20.53
N ASP A 224 1.47 15.67 20.36
CA ASP A 224 1.24 17.00 20.91
C ASP A 224 0.31 16.98 22.11
N GLU A 225 0.08 15.78 22.64
CA GLU A 225 -0.79 15.58 23.81
C GLU A 225 -2.21 16.08 23.54
N ARG A 226 -2.51 16.41 22.29
CA ARG A 226 -3.83 16.90 21.93
C ARG A 226 -4.82 15.88 21.37
N THR A 227 -4.34 14.72 20.96
CA THR A 227 -5.18 13.68 20.39
C THR A 227 -6.51 13.49 21.11
N ARG A 228 -7.60 13.54 20.36
CA ARG A 228 -8.93 13.37 20.91
C ARG A 228 -9.56 12.09 20.38
N ILE A 229 -10.35 11.44 21.22
CA ILE A 229 -10.98 10.18 20.82
C ILE A 229 -12.47 10.24 21.05
N SER A 230 -13.18 9.29 20.46
CA SER A 230 -14.62 9.21 20.60
C SER A 230 -15.06 7.78 20.35
N ILE A 231 -16.15 7.38 20.99
CA ILE A 231 -16.63 6.02 20.82
C ILE A 231 -18.13 5.96 20.54
N LEU A 232 -18.46 5.27 19.45
CA LEU A 232 -19.86 5.11 19.05
C LEU A 232 -20.20 3.63 18.94
N CYS A 233 -21.07 3.14 19.82
CA CYS A 233 -21.50 1.74 19.76
C CYS A 233 -22.79 1.78 18.95
N VAL A 234 -22.91 0.86 17.99
CA VAL A 234 -24.07 0.88 17.11
C VAL A 234 -24.76 -0.45 16.81
N ASP A 235 -26.07 -0.48 17.04
CA ASP A 235 -26.91 -1.64 16.71
C ASP A 235 -28.08 -1.01 15.95
N ASN A 236 -29.28 -1.01 16.53
CA ASN A 236 -30.42 -0.40 15.87
C ASN A 236 -30.48 1.07 16.27
N ALA A 237 -29.71 1.42 17.28
CA ALA A 237 -29.66 2.78 17.76
C ALA A 237 -28.20 3.18 17.89
N ILE A 238 -27.96 4.48 17.97
CA ILE A 238 -26.60 4.99 18.11
C ILE A 238 -26.36 5.35 19.58
N HIS A 239 -25.44 4.63 20.20
CA HIS A 239 -25.12 4.83 21.60
C HIS A 239 -23.91 5.73 21.83
N TYR A 240 -24.13 6.83 22.54
CA TYR A 240 -23.07 7.79 22.83
C TYR A 240 -22.57 7.62 24.25
N PHE A 241 -21.44 8.26 24.55
CA PHE A 241 -20.85 8.20 25.88
C PHE A 241 -20.21 9.51 26.27
N LYS A 242 -20.72 10.14 27.32
CA LYS A 242 -20.14 11.39 27.80
C LYS A 242 -19.00 10.99 28.72
N ILE A 243 -17.80 11.47 28.41
CA ILE A 243 -16.62 11.14 29.20
C ILE A 243 -16.05 12.36 29.89
N PRO A 244 -16.16 12.41 31.22
CA PRO A 244 -15.66 13.52 32.04
C PRO A 244 -14.13 13.51 32.11
N LEU A 245 -13.54 14.62 32.57
CA LEU A 245 -12.10 14.69 32.73
C LEU A 245 -11.78 13.82 33.94
N ASP A 246 -10.71 13.03 33.86
CA ASP A 246 -10.35 12.20 34.99
C ASP A 246 -10.33 13.07 36.26
N SER A 247 -9.86 14.31 36.11
CA SER A 247 -9.74 15.25 37.23
C SER A 247 -11.01 15.61 38.00
N GLU A 248 -12.18 15.22 37.51
CA GLU A 248 -13.37 15.59 38.26
C GLU A 248 -14.15 14.41 38.84
N ASN A 249 -13.45 13.31 39.13
CA ASN A 249 -14.10 12.13 39.71
C ASN A 249 -14.26 12.22 41.22
N ILE A 257 -20.98 6.19 34.61
CA ILE A 257 -20.91 6.33 33.15
C ILE A 257 -22.17 6.90 32.54
N ASN A 258 -21.99 7.66 31.46
CA ASN A 258 -23.11 8.29 30.77
C ASN A 258 -23.31 7.74 29.36
N MET A 259 -24.33 6.91 29.18
CA MET A 259 -24.60 6.38 27.85
C MET A 259 -25.89 6.99 27.34
N MET A 260 -25.78 7.80 26.29
CA MET A 260 -26.94 8.45 25.70
C MET A 260 -27.38 7.73 24.41
N ASP A 261 -28.54 7.08 24.48
CA ASP A 261 -29.09 6.34 23.34
C ASP A 261 -29.87 7.24 22.39
N ILE A 262 -29.87 6.88 21.12
CA ILE A 262 -30.59 7.64 20.10
C ILE A 262 -31.13 6.68 19.05
N ALA A 263 -32.39 6.31 19.19
CA ALA A 263 -33.03 5.39 18.26
C ALA A 263 -33.59 6.16 17.06
N ASP A 264 -33.70 7.48 17.21
CA ASP A 264 -34.23 8.33 16.15
C ASP A 264 -33.17 8.44 15.05
N LEU A 265 -33.19 7.48 14.14
CA LEU A 265 -32.23 7.45 13.04
C LEU A 265 -32.36 8.61 12.07
N GLU A 266 -33.48 9.32 12.14
CA GLU A 266 -33.70 10.47 11.26
C GLU A 266 -32.98 11.69 11.79
N GLU A 267 -32.58 11.65 13.06
CA GLU A 267 -31.87 12.76 13.68
C GLU A 267 -30.37 12.59 13.48
N PRO A 273 -20.91 17.72 21.33
CA PRO A 273 -19.58 17.39 20.79
C PRO A 273 -18.58 17.26 21.94
N ASN A 274 -18.53 18.30 22.76
CA ASN A 274 -17.64 18.36 23.93
C ASN A 274 -18.09 17.25 24.87
N SER A 275 -17.13 16.47 25.36
CA SER A 275 -17.39 15.36 26.29
C SER A 275 -17.76 14.05 25.57
N MET A 276 -17.85 14.12 24.25
CA MET A 276 -18.15 12.95 23.43
C MET A 276 -16.86 12.64 22.68
N VAL A 277 -16.13 13.71 22.38
CA VAL A 277 -14.85 13.64 21.70
C VAL A 277 -13.95 14.26 22.77
N VAL A 278 -13.22 13.42 23.51
CA VAL A 278 -12.40 13.91 24.60
C VAL A 278 -10.90 13.68 24.51
N SER A 279 -10.17 14.39 25.37
CA SER A 279 -8.71 14.29 25.46
C SER A 279 -8.32 12.90 25.91
N LEU A 280 -7.52 12.21 25.10
CA LEU A 280 -7.09 10.86 25.45
C LEU A 280 -6.28 10.93 26.74
N LYS A 281 -5.58 12.04 26.95
CA LYS A 281 -4.78 12.19 28.15
C LYS A 281 -5.61 12.57 29.38
N ALA A 282 -6.31 13.69 29.30
CA ALA A 282 -7.13 14.16 30.41
C ALA A 282 -8.24 13.20 30.81
N CYS A 283 -8.50 12.19 30.00
CA CYS A 283 -9.58 11.27 30.34
C CYS A 283 -9.10 9.83 30.29
N ARG A 284 -7.78 9.66 30.36
CA ARG A 284 -7.20 8.33 30.30
C ARG A 284 -7.88 7.25 31.15
N GLN A 285 -8.06 7.50 32.45
CA GLN A 285 -8.71 6.50 33.31
C GLN A 285 -10.17 6.32 32.94
N ASN A 286 -10.85 7.43 32.72
CA ASN A 286 -12.27 7.37 32.37
C ASN A 286 -12.52 6.62 31.07
N ILE A 287 -11.71 6.87 30.04
CA ILE A 287 -11.90 6.20 28.75
C ILE A 287 -11.69 4.71 28.98
N GLU A 288 -10.72 4.39 29.85
CA GLU A 288 -10.42 3.01 30.18
C GLU A 288 -11.63 2.39 30.88
N THR A 289 -12.20 3.14 31.83
CA THR A 289 -13.36 2.67 32.58
C THR A 289 -14.52 2.35 31.65
N LEU A 290 -14.72 3.20 30.65
CA LEU A 290 -15.79 3.05 29.69
C LEU A 290 -15.63 1.82 28.81
N LEU A 291 -14.48 1.69 28.17
CA LEU A 291 -14.23 0.54 27.31
C LEU A 291 -14.45 -0.77 28.05
N THR A 292 -14.17 -0.78 29.34
CA THR A 292 -14.33 -1.99 30.14
C THR A 292 -15.78 -2.42 30.39
N LYS A 293 -16.69 -1.46 30.50
CA LYS A 293 -18.10 -1.76 30.74
C LYS A 293 -18.85 -2.17 29.48
N ILE A 294 -18.53 -1.50 28.36
CA ILE A 294 -19.17 -1.74 27.07
C ILE A 294 -19.48 -3.21 26.79
N PRO A 295 -18.51 -4.10 27.00
CA PRO A 295 -18.78 -5.51 26.75
C PRO A 295 -19.92 -6.05 27.63
N GLN A 296 -20.06 -5.48 28.82
CA GLN A 296 -21.10 -5.90 29.77
C GLN A 296 -22.44 -5.30 29.36
N ILE A 297 -22.40 -4.05 28.93
CA ILE A 297 -23.60 -3.34 28.52
C ILE A 297 -24.39 -4.06 27.44
N PHE A 298 -23.71 -4.57 26.41
CA PHE A 298 -24.39 -5.25 25.32
C PHE A 298 -24.14 -6.76 25.36
N GLN A 299 -23.72 -7.24 26.53
CA GLN A 299 -23.42 -8.65 26.76
C GLN A 299 -24.49 -9.60 26.24
N SER A 300 -25.75 -9.21 26.39
CA SER A 300 -26.84 -10.07 25.93
C SER A 300 -27.73 -9.37 24.91
N ASN A 301 -27.13 -8.58 24.03
CA ASN A 301 -27.87 -7.86 23.00
C ASN A 301 -28.45 -8.90 22.03
N LEU A 302 -29.75 -8.82 21.78
CA LEU A 302 -30.42 -9.74 20.86
C LEU A 302 -30.75 -9.06 19.53
N ILE A 303 -30.44 -7.76 19.43
CA ILE A 303 -30.70 -6.98 18.23
C ILE A 303 -29.74 -7.33 17.10
N THR A 304 -30.28 -7.49 15.90
CA THR A 304 -29.45 -7.82 14.74
C THR A 304 -29.31 -6.66 13.76
N ASN A 305 -29.77 -5.48 14.17
CA ASN A 305 -29.69 -4.31 13.33
C ASN A 305 -28.38 -3.55 13.54
N PHE A 306 -27.84 -3.03 12.45
CA PHE A 306 -26.61 -2.24 12.48
C PHE A 306 -26.84 -1.05 11.55
N ALA A 307 -27.20 0.08 12.14
CA ALA A 307 -27.48 1.29 11.38
C ALA A 307 -26.24 2.05 10.97
N LEU A 308 -25.41 1.44 10.12
CA LEU A 308 -24.19 2.09 9.67
C LEU A 308 -24.51 3.45 9.09
N GLY A 309 -25.48 3.49 8.17
CA GLY A 309 -25.85 4.74 7.55
C GLY A 309 -25.99 5.84 8.56
N PRO A 310 -27.05 5.79 9.39
CA PRO A 310 -27.30 6.81 10.43
C PRO A 310 -26.06 7.11 11.27
N ALA A 311 -25.41 6.04 11.75
CA ALA A 311 -24.22 6.18 12.59
C ALA A 311 -23.09 6.96 11.91
N LEU A 312 -22.85 6.63 10.64
CA LEU A 312 -21.81 7.28 9.87
C LEU A 312 -22.09 8.78 9.85
N LYS A 313 -23.38 9.13 9.80
CA LYS A 313 -23.77 10.53 9.79
C LYS A 313 -23.54 11.16 11.17
N SER A 314 -23.83 10.42 12.23
CA SER A 314 -23.61 10.92 13.59
C SER A 314 -22.13 11.29 13.78
N ALA A 315 -21.25 10.35 13.41
CA ALA A 315 -19.81 10.55 13.54
C ALA A 315 -19.40 11.78 12.75
N TYR A 316 -19.96 11.91 11.55
CA TYR A 316 -19.66 13.06 10.70
C TYR A 316 -19.89 14.33 11.50
N HIS A 317 -21.12 14.52 11.95
CA HIS A 317 -21.49 15.70 12.73
C HIS A 317 -20.64 15.82 14.00
N LEU A 318 -20.25 14.67 14.55
CA LEU A 318 -19.47 14.64 15.77
C LEU A 318 -18.07 15.25 15.63
N ILE A 319 -17.37 14.93 14.54
CA ILE A 319 -16.02 15.45 14.33
C ILE A 319 -15.82 16.33 13.10
N GLY A 320 -16.91 16.65 12.42
CA GLY A 320 -16.83 17.47 11.21
C GLY A 320 -16.29 18.89 11.34
N GLY A 321 -16.39 19.47 12.53
CA GLY A 321 -15.89 20.82 12.72
C GLY A 321 -14.38 20.93 12.74
N VAL A 322 -13.70 19.79 12.66
CA VAL A 322 -12.25 19.80 12.68
C VAL A 322 -11.68 18.70 11.80
N GLY A 323 -12.52 17.73 11.45
CA GLY A 323 -12.07 16.62 10.63
C GLY A 323 -11.34 15.56 11.42
N GLY A 324 -11.16 14.38 10.84
CA GLY A 324 -10.47 13.32 11.56
C GLY A 324 -10.73 11.96 10.97
N LYS A 325 -10.57 10.92 11.79
CA LYS A 325 -10.77 9.54 11.36
C LYS A 325 -11.99 8.85 11.93
N ILE A 326 -12.79 8.24 11.06
CA ILE A 326 -13.91 7.46 11.53
C ILE A 326 -13.46 6.02 11.25
N ILE A 327 -13.18 5.27 12.32
CA ILE A 327 -12.74 3.90 12.15
C ILE A 327 -13.93 3.02 12.50
N VAL A 328 -14.45 2.33 11.47
CA VAL A 328 -15.61 1.45 11.62
C VAL A 328 -15.18 0.01 11.86
N VAL A 329 -15.77 -0.62 12.88
CA VAL A 329 -15.48 -2.01 13.17
C VAL A 329 -16.84 -2.71 13.09
N SER A 330 -16.96 -3.64 12.15
CA SER A 330 -18.22 -4.33 11.97
C SER A 330 -18.17 -5.75 11.41
N GLY A 331 -19.16 -6.53 11.82
CA GLY A 331 -19.30 -7.89 11.35
C GLY A 331 -20.77 -8.09 11.05
N THR A 332 -21.42 -7.02 10.58
CA THR A 332 -22.85 -7.04 10.27
C THR A 332 -23.20 -6.12 9.10
N LEU A 333 -23.72 -6.71 8.02
CA LEU A 333 -24.09 -5.95 6.84
C LEU A 333 -25.11 -4.86 7.19
N PRO A 334 -24.86 -3.62 6.76
CA PRO A 334 -25.80 -2.53 7.06
C PRO A 334 -27.21 -2.93 6.65
N ASN A 335 -28.15 -2.89 7.60
CA ASN A 335 -29.52 -3.30 7.33
C ASN A 335 -30.60 -2.43 7.96
N LEU A 336 -30.26 -1.19 8.31
CA LEU A 336 -31.23 -0.29 8.90
C LEU A 336 -30.86 1.15 8.64
N GLY A 337 -31.87 1.98 8.40
CA GLY A 337 -31.62 3.39 8.13
C GLY A 337 -31.04 3.60 6.75
N ILE A 338 -30.66 4.84 6.47
CA ILE A 338 -30.10 5.19 5.17
C ILE A 338 -28.85 4.35 4.93
N GLY A 339 -28.59 4.05 3.66
CA GLY A 339 -27.43 3.26 3.31
C GLY A 339 -27.50 1.76 3.53
N LYS A 340 -28.65 1.23 3.92
CA LYS A 340 -28.71 -0.21 4.11
C LYS A 340 -28.42 -0.93 2.79
N LEU A 341 -27.93 -2.16 2.87
CA LEU A 341 -27.57 -2.93 1.68
C LEU A 341 -28.24 -4.32 1.64
N GLN A 342 -28.24 -4.94 0.47
CA GLN A 342 -28.83 -6.26 0.28
C GLN A 342 -27.89 -7.26 -0.38
N ARG A 343 -28.20 -8.54 -0.22
CA ARG A 343 -27.40 -9.62 -0.80
C ARG A 343 -27.40 -9.54 -2.34
N ASP A 364 -24.77 0.77 -3.01
CA ASP A 364 -25.56 1.97 -2.74
C ASP A 364 -24.73 3.21 -3.10
N SER A 365 -25.41 4.33 -3.35
CA SER A 365 -24.73 5.57 -3.69
C SER A 365 -24.65 6.52 -2.50
N PHE A 366 -25.29 6.13 -1.39
CA PHE A 366 -25.27 6.95 -0.18
C PHE A 366 -23.84 7.16 0.25
N TYR A 367 -23.08 6.07 0.19
CA TYR A 367 -21.69 6.08 0.59
C TYR A 367 -20.85 7.01 -0.27
N LYS A 368 -20.98 6.89 -1.59
CA LYS A 368 -20.21 7.73 -2.49
C LYS A 368 -20.50 9.21 -2.24
N ASN A 369 -21.73 9.54 -1.89
CA ASN A 369 -22.05 10.95 -1.61
C ASN A 369 -21.46 11.33 -0.27
N PHE A 370 -21.39 10.36 0.64
CA PHE A 370 -20.84 10.58 1.96
C PHE A 370 -19.37 10.97 1.85
N THR A 371 -18.64 10.26 0.99
CA THR A 371 -17.23 10.55 0.78
C THR A 371 -17.08 11.96 0.23
N ILE A 372 -18.03 12.36 -0.64
CA ILE A 372 -18.00 13.69 -1.21
C ILE A 372 -18.13 14.70 -0.08
N ASP A 373 -19.00 14.40 0.88
CA ASP A 373 -19.17 15.29 2.02
C ASP A 373 -17.95 15.30 2.92
N CYS A 374 -17.35 14.13 3.12
CA CYS A 374 -16.15 14.01 3.96
C CYS A 374 -15.00 14.88 3.45
N SER A 375 -14.90 15.02 2.13
CA SER A 375 -13.85 15.83 1.53
C SER A 375 -13.99 17.31 1.88
N LYS A 376 -15.18 17.70 2.32
CA LYS A 376 -15.45 19.10 2.67
C LYS A 376 -14.99 19.40 4.09
N VAL A 377 -15.16 18.41 4.96
CA VAL A 377 -14.79 18.58 6.35
C VAL A 377 -13.52 17.83 6.79
N GLN A 378 -12.76 17.31 5.83
CA GLN A 378 -11.52 16.58 6.11
C GLN A 378 -11.70 15.33 6.98
N ILE A 379 -12.57 14.43 6.55
CA ILE A 379 -12.83 13.20 7.28
C ILE A 379 -12.44 11.99 6.44
N THR A 380 -11.83 11.01 7.10
CA THR A 380 -11.38 9.78 6.45
C THR A 380 -12.09 8.65 7.16
N VAL A 381 -12.44 7.60 6.42
CA VAL A 381 -13.11 6.47 7.01
C VAL A 381 -12.29 5.20 6.82
N ASP A 382 -12.02 4.50 7.91
CA ASP A 382 -11.29 3.23 7.84
C ASP A 382 -12.29 2.18 8.21
N LEU A 383 -12.19 1.00 7.62
CA LEU A 383 -13.14 -0.06 7.91
C LEU A 383 -12.51 -1.40 8.21
N PHE A 384 -13.01 -2.04 9.25
CA PHE A 384 -12.57 -3.37 9.61
C PHE A 384 -13.84 -4.21 9.58
N LEU A 385 -13.95 -5.04 8.55
CA LEU A 385 -15.10 -5.90 8.35
C LEU A 385 -14.69 -7.32 8.67
N ALA A 386 -15.27 -7.87 9.74
CA ALA A 386 -14.93 -9.22 10.17
C ALA A 386 -16.16 -10.07 10.47
N SER A 387 -16.43 -11.05 9.61
CA SER A 387 -17.59 -11.91 9.80
C SER A 387 -17.61 -13.10 8.85
N GLU A 388 -18.41 -14.10 9.19
CA GLU A 388 -18.55 -15.29 8.35
C GLU A 388 -19.61 -14.96 7.31
N ASP A 389 -20.39 -13.91 7.55
CA ASP A 389 -21.46 -13.50 6.65
C ASP A 389 -21.02 -12.47 5.61
N TYR A 390 -21.84 -12.31 4.57
CA TYR A 390 -21.58 -11.36 3.48
C TYR A 390 -21.49 -9.94 3.99
N MET A 391 -20.44 -9.22 3.59
CA MET A 391 -20.22 -7.85 4.04
C MET A 391 -20.29 -6.79 2.96
N ASP A 392 -20.33 -7.22 1.69
CA ASP A 392 -20.39 -6.30 0.56
C ASP A 392 -19.17 -5.37 0.58
N VAL A 393 -17.99 -5.97 0.55
CA VAL A 393 -16.75 -5.21 0.55
C VAL A 393 -16.71 -4.34 -0.71
N ALA A 394 -17.33 -4.83 -1.78
CA ALA A 394 -17.35 -4.07 -3.03
C ALA A 394 -17.95 -2.67 -2.82
N SER A 395 -19.01 -2.62 -2.02
CA SER A 395 -19.68 -1.35 -1.79
C SER A 395 -19.02 -0.52 -0.67
N LEU A 396 -18.82 -1.12 0.50
CA LEU A 396 -18.24 -0.39 1.62
C LEU A 396 -16.80 0.07 1.42
N SER A 397 -16.03 -0.61 0.57
CA SER A 397 -14.65 -0.21 0.34
C SER A 397 -14.55 1.18 -0.30
N ASN A 398 -15.65 1.65 -0.88
CA ASN A 398 -15.67 2.97 -1.51
C ASN A 398 -15.57 4.06 -0.46
N LEU A 399 -16.06 3.78 0.74
CA LEU A 399 -16.00 4.75 1.84
C LEU A 399 -14.55 5.13 2.13
N SER A 400 -13.72 4.12 2.28
CA SER A 400 -12.32 4.34 2.57
C SER A 400 -11.61 4.85 1.31
N ARG A 401 -11.76 4.12 0.22
CA ARG A 401 -11.14 4.47 -1.05
C ARG A 401 -11.13 5.96 -1.40
N PHE A 402 -12.29 6.60 -1.32
CA PHE A 402 -12.35 8.01 -1.68
C PHE A 402 -12.16 8.99 -0.54
N THR A 403 -11.73 8.47 0.61
CA THR A 403 -11.45 9.31 1.79
C THR A 403 -10.01 9.08 2.26
N ALA A 404 -9.21 8.41 1.41
CA ALA A 404 -7.81 8.11 1.69
C ALA A 404 -7.57 7.10 2.82
N GLY A 405 -8.64 6.47 3.29
CA GLY A 405 -8.49 5.48 4.34
C GLY A 405 -8.28 4.09 3.76
N GLN A 406 -8.68 3.07 4.50
CA GLN A 406 -8.51 1.71 4.03
C GLN A 406 -9.55 0.78 4.64
N THR A 407 -9.80 -0.32 3.95
CA THR A 407 -10.77 -1.31 4.40
C THR A 407 -10.01 -2.61 4.64
N HIS A 408 -10.23 -3.21 5.80
CA HIS A 408 -9.57 -4.46 6.12
C HIS A 408 -10.68 -5.48 6.32
N PHE A 409 -10.59 -6.57 5.57
CA PHE A 409 -11.59 -7.62 5.55
C PHE A 409 -11.07 -8.93 6.16
N TYR A 410 -11.80 -9.45 7.14
CA TYR A 410 -11.39 -10.68 7.81
C TYR A 410 -12.40 -11.81 7.62
N PRO A 411 -12.33 -12.50 6.47
CA PRO A 411 -13.21 -13.62 6.12
C PRO A 411 -13.34 -14.65 7.22
N GLY A 412 -14.57 -15.12 7.44
CA GLY A 412 -14.83 -16.13 8.46
C GLY A 412 -14.36 -15.85 9.88
N PHE A 413 -14.15 -14.59 10.22
CA PHE A 413 -13.70 -14.25 11.56
C PHE A 413 -14.59 -14.92 12.60
N SER A 414 -13.97 -15.47 13.65
CA SER A 414 -14.72 -16.14 14.70
C SER A 414 -13.87 -16.28 15.95
N GLY A 415 -14.35 -15.70 17.05
CA GLY A 415 -13.62 -15.78 18.30
C GLY A 415 -13.33 -17.22 18.70
N LYS A 416 -14.07 -18.17 18.15
CA LYS A 416 -13.86 -19.56 18.49
C LYS A 416 -12.49 -20.07 18.05
N ASN A 417 -11.88 -19.38 17.09
CA ASN A 417 -10.55 -19.75 16.61
C ASN A 417 -9.54 -18.78 17.22
N PRO A 418 -8.87 -19.17 18.31
CA PRO A 418 -7.89 -18.32 18.97
C PRO A 418 -6.98 -17.53 18.02
N ASN A 419 -6.69 -18.11 16.86
CA ASN A 419 -5.83 -17.44 15.88
C ASN A 419 -6.49 -16.31 15.10
N ASP A 420 -7.83 -16.29 15.07
CA ASP A 420 -8.53 -15.23 14.37
C ASP A 420 -8.30 -13.93 15.14
N ILE A 421 -8.33 -14.05 16.47
CA ILE A 421 -8.15 -12.92 17.35
C ILE A 421 -6.77 -12.29 17.13
N VAL A 422 -5.75 -13.13 17.11
CA VAL A 422 -4.39 -12.67 16.93
C VAL A 422 -4.22 -11.80 15.69
N LYS A 423 -4.78 -12.23 14.57
CA LYS A 423 -4.66 -11.47 13.34
C LYS A 423 -5.38 -10.12 13.43
N PHE A 424 -6.65 -10.14 13.83
CA PHE A 424 -7.42 -8.91 13.94
C PHE A 424 -6.83 -7.87 14.90
N SER A 425 -6.48 -8.30 16.11
CA SER A 425 -5.92 -7.40 17.12
C SER A 425 -4.60 -6.81 16.69
N THR A 426 -3.72 -7.66 16.18
CA THR A 426 -2.40 -7.23 15.73
C THR A 426 -2.55 -6.14 14.68
N GLU A 427 -3.34 -6.41 13.65
CA GLU A 427 -3.54 -5.44 12.59
C GLU A 427 -4.31 -4.21 13.03
N PHE A 428 -5.32 -4.39 13.87
CA PHE A 428 -6.10 -3.25 14.36
C PHE A 428 -5.25 -2.37 15.28
N ALA A 429 -4.32 -2.99 15.99
CA ALA A 429 -3.43 -2.27 16.88
C ALA A 429 -2.43 -1.47 16.07
N LYS A 430 -1.78 -2.12 15.11
CA LYS A 430 -0.81 -1.42 14.27
C LYS A 430 -1.50 -0.29 13.52
N HIS A 431 -2.72 -0.53 13.09
CA HIS A 431 -3.44 0.49 12.37
C HIS A 431 -3.69 1.72 13.24
N ILE A 432 -4.13 1.53 14.48
CA ILE A 432 -4.39 2.70 15.30
C ILE A 432 -3.10 3.35 15.79
N SER A 433 -2.01 2.60 15.84
CA SER A 433 -0.75 3.18 16.27
C SER A 433 -0.07 3.92 15.12
N MET A 434 -0.53 3.69 13.90
CA MET A 434 0.07 4.34 12.73
C MET A 434 -0.09 5.86 12.68
N ASP A 435 1.01 6.54 12.33
CA ASP A 435 1.02 7.99 12.22
C ASP A 435 0.27 8.40 10.96
N PHE A 436 -0.20 9.65 10.92
CA PHE A 436 -0.88 10.14 9.73
C PHE A 436 -1.00 11.66 9.72
N CYS A 437 -1.28 12.19 8.53
CA CYS A 437 -1.42 13.62 8.32
C CYS A 437 -2.91 13.93 8.21
N MET A 438 -3.24 15.22 8.29
CA MET A 438 -4.61 15.70 8.18
C MET A 438 -4.62 16.85 7.19
N GLU A 439 -5.77 17.09 6.56
CA GLU A 439 -5.91 18.18 5.60
C GLU A 439 -4.73 18.21 4.63
N THR A 440 -4.40 17.08 4.05
CA THR A 440 -3.27 16.98 3.13
C THR A 440 -3.71 16.97 1.66
N VAL A 441 -2.88 17.55 0.80
CA VAL A 441 -3.13 17.55 -0.63
C VAL A 441 -1.81 17.24 -1.31
N MET A 442 -1.86 16.47 -2.38
CA MET A 442 -0.66 16.09 -3.09
C MET A 442 -0.81 16.31 -4.59
N ARG A 443 0.25 16.82 -5.21
CA ARG A 443 0.24 17.09 -6.64
C ARG A 443 1.64 16.88 -7.17
N ALA A 444 1.74 16.60 -8.47
CA ALA A 444 3.03 16.40 -9.11
C ALA A 444 3.14 17.39 -10.25
N ARG A 445 4.26 18.09 -10.30
CA ARG A 445 4.51 19.06 -11.38
C ARG A 445 5.54 18.47 -12.34
N GLY A 446 5.24 18.49 -13.62
CA GLY A 446 6.17 17.94 -14.59
C GLY A 446 6.87 19.06 -15.34
N SER A 447 8.07 18.79 -15.84
CA SER A 447 8.79 19.82 -16.59
C SER A 447 8.05 20.03 -17.92
N THR A 448 8.36 21.13 -18.58
CA THR A 448 7.73 21.48 -19.85
C THR A 448 7.53 20.27 -20.77
N GLY A 449 6.29 20.05 -21.18
CA GLY A 449 5.99 18.93 -22.05
C GLY A 449 5.34 17.75 -21.34
N LEU A 450 5.54 17.67 -20.02
CA LEU A 450 4.97 16.58 -19.22
C LEU A 450 3.69 17.00 -18.50
N ARG A 451 2.69 16.12 -18.54
CA ARG A 451 1.40 16.39 -17.91
C ARG A 451 0.92 15.18 -17.10
N MET A 452 0.34 15.42 -15.93
CA MET A 452 -0.18 14.34 -15.11
C MET A 452 -1.65 14.17 -15.54
N SER A 453 -1.95 13.06 -16.19
CA SER A 453 -3.31 12.85 -16.69
C SER A 453 -4.22 12.00 -15.81
N ARG A 454 -3.66 11.00 -15.16
CA ARG A 454 -4.46 10.13 -14.31
C ARG A 454 -3.85 9.93 -12.94
N PHE A 455 -4.72 9.66 -11.96
CA PHE A 455 -4.27 9.48 -10.59
C PHE A 455 -4.94 8.26 -9.95
N TYR A 456 -4.13 7.33 -9.46
CA TYR A 456 -4.66 6.11 -8.82
C TYR A 456 -4.22 6.03 -7.36
N GLY A 457 -5.04 5.36 -6.54
CA GLY A 457 -4.75 5.21 -5.13
C GLY A 457 -5.92 5.72 -4.30
N HIS A 458 -5.88 5.52 -2.97
CA HIS A 458 -6.97 5.98 -2.11
C HIS A 458 -6.80 7.46 -1.72
N PHE A 459 -7.70 8.28 -2.25
CA PHE A 459 -7.72 9.72 -1.98
C PHE A 459 -8.90 10.32 -2.73
N PHE A 460 -9.05 11.64 -2.66
CA PHE A 460 -10.16 12.30 -3.30
C PHE A 460 -9.65 13.19 -4.43
N ASN A 461 -10.09 12.90 -5.66
CA ASN A 461 -9.67 13.67 -6.82
C ASN A 461 -10.82 13.71 -7.82
N ARG A 462 -11.23 14.90 -8.22
CA ARG A 462 -12.34 15.04 -9.16
C ARG A 462 -11.99 15.51 -10.56
N SER A 463 -11.66 16.79 -10.71
CA SER A 463 -11.34 17.30 -12.03
C SER A 463 -10.12 18.19 -11.97
N SER A 464 -9.13 17.80 -11.18
CA SER A 464 -7.94 18.60 -11.10
C SER A 464 -6.72 17.71 -11.08
N ASP A 465 -5.57 18.33 -10.88
CA ASP A 465 -4.31 17.60 -10.80
C ASP A 465 -3.98 17.48 -9.32
N LEU A 466 -4.95 17.81 -8.47
CA LEU A 466 -4.72 17.76 -7.04
C LEU A 466 -5.44 16.60 -6.36
N CYS A 467 -4.68 15.83 -5.58
CA CYS A 467 -5.22 14.70 -4.84
C CYS A 467 -5.37 15.07 -3.36
N ALA A 468 -6.60 15.00 -2.87
CA ALA A 468 -6.86 15.36 -1.49
C ALA A 468 -6.95 14.18 -0.54
N PHE A 469 -6.23 14.28 0.56
CA PHE A 469 -6.22 13.25 1.59
C PHE A 469 -6.72 13.91 2.87
N SER A 470 -7.95 13.58 3.28
CA SER A 470 -8.48 14.13 4.51
C SER A 470 -7.48 13.77 5.60
N THR A 471 -6.85 12.61 5.41
CA THR A 471 -5.76 12.12 6.26
C THR A 471 -4.88 11.32 5.31
N MET A 472 -3.58 11.38 5.51
CA MET A 472 -2.68 10.60 4.66
C MET A 472 -2.09 9.51 5.52
N PRO A 473 -2.39 8.24 5.20
CA PRO A 473 -1.86 7.12 5.98
C PRO A 473 -0.38 6.95 5.67
N ARG A 474 0.18 5.85 6.13
CA ARG A 474 1.59 5.59 5.89
C ARG A 474 1.80 4.32 5.09
N ASP A 475 0.82 3.42 5.16
CA ASP A 475 0.91 2.12 4.51
C ASP A 475 0.36 1.90 3.10
N GLN A 476 0.13 2.97 2.34
CA GLN A 476 -0.39 2.77 0.98
C GLN A 476 0.55 3.36 -0.04
N SER A 477 0.26 3.11 -1.32
CA SER A 477 1.08 3.64 -2.40
C SER A 477 0.16 4.26 -3.46
N TYR A 478 0.71 5.11 -4.31
CA TYR A 478 -0.11 5.77 -5.33
C TYR A 478 0.57 5.75 -6.69
N LEU A 479 -0.20 6.05 -7.74
CA LEU A 479 0.35 6.04 -9.08
C LEU A 479 -0.24 7.14 -9.98
N PHE A 480 0.63 7.85 -10.67
CA PHE A 480 0.28 8.94 -11.57
C PHE A 480 0.68 8.58 -12.99
N GLU A 481 -0.22 8.80 -13.93
CA GLU A 481 0.08 8.52 -15.33
C GLU A 481 0.58 9.84 -15.90
N VAL A 482 1.62 9.77 -16.70
CA VAL A 482 2.19 10.97 -17.29
C VAL A 482 2.07 10.90 -18.80
N ASN A 483 1.54 11.96 -19.39
CA ASN A 483 1.39 12.04 -20.84
C ASN A 483 2.40 13.06 -21.32
N VAL A 484 3.09 12.76 -22.42
CA VAL A 484 4.02 13.70 -23.00
C VAL A 484 3.27 14.37 -24.14
N ASP A 485 2.94 15.65 -23.98
CA ASP A 485 2.22 16.37 -25.03
C ASP A 485 3.16 17.00 -26.04
N GLU A 486 3.85 18.07 -25.65
CA GLU A 486 4.77 18.73 -26.55
C GLU A 486 6.10 17.98 -26.51
N SER A 487 6.95 18.17 -27.52
CA SER A 487 8.24 17.48 -27.54
C SER A 487 9.23 18.11 -26.58
N ILE A 488 9.91 17.27 -25.81
CA ILE A 488 10.90 17.75 -24.85
C ILE A 488 12.11 18.17 -25.65
N MET A 489 12.70 19.30 -25.28
CA MET A 489 13.87 19.81 -26.01
C MET A 489 15.17 19.58 -25.25
N ALA A 490 15.08 19.52 -23.93
CA ALA A 490 16.27 19.32 -23.11
C ALA A 490 16.71 17.87 -23.05
N ASP A 491 17.94 17.66 -22.61
CA ASP A 491 18.45 16.30 -22.48
C ASP A 491 17.89 15.68 -21.21
N TYR A 492 17.08 16.47 -20.50
CA TYR A 492 16.49 16.00 -19.25
C TYR A 492 15.10 16.60 -19.02
N CYS A 493 14.26 15.85 -18.32
CA CYS A 493 12.93 16.30 -17.98
C CYS A 493 12.82 16.02 -16.48
N TYR A 494 11.84 16.60 -15.81
CA TYR A 494 11.74 16.39 -14.36
C TYR A 494 10.31 16.27 -13.86
N VAL A 495 10.18 15.69 -12.67
CA VAL A 495 8.90 15.54 -12.03
C VAL A 495 9.11 15.88 -10.56
N GLN A 496 8.21 16.68 -9.99
CA GLN A 496 8.33 17.07 -8.59
C GLN A 496 7.02 16.90 -7.84
N VAL A 497 7.04 16.03 -6.85
CA VAL A 497 5.86 15.76 -6.04
C VAL A 497 5.86 16.69 -4.84
N ALA A 498 4.72 17.32 -4.59
CA ALA A 498 4.61 18.23 -3.46
C ALA A 498 3.45 17.79 -2.58
N VAL A 499 3.71 17.70 -1.27
CA VAL A 499 2.66 17.31 -0.33
C VAL A 499 2.53 18.35 0.77
N LEU A 500 1.42 19.07 0.74
CA LEU A 500 1.09 20.10 1.74
C LEU A 500 0.25 19.31 2.73
N LEU A 501 0.75 19.24 3.96
CA LEU A 501 0.11 18.46 5.01
C LEU A 501 0.13 19.08 6.40
N SER A 502 -0.76 18.59 7.26
CA SER A 502 -0.83 19.00 8.65
C SER A 502 -0.45 17.73 9.39
N LEU A 503 0.76 17.69 9.91
CA LEU A 503 1.23 16.51 10.63
C LEU A 503 0.50 16.31 11.95
N ASN A 504 0.51 15.09 12.46
CA ASN A 504 -0.15 14.79 13.72
C ASN A 504 0.71 15.23 14.90
N ASN A 505 1.17 16.47 14.85
CA ASN A 505 1.97 17.05 15.92
C ASN A 505 1.75 18.56 15.88
N SER A 506 0.60 18.94 15.33
CA SER A 506 0.22 20.34 15.23
C SER A 506 1.13 21.19 14.35
N GLN A 507 1.75 20.57 13.34
CA GLN A 507 2.64 21.31 12.46
C GLN A 507 2.24 21.24 11.00
N ARG A 508 2.45 22.34 10.30
CA ARG A 508 2.14 22.41 8.88
C ARG A 508 3.46 22.22 8.13
N ARG A 509 3.51 21.25 7.21
CA ARG A 509 4.72 20.99 6.46
C ARG A 509 4.50 20.79 4.97
N ILE A 510 5.60 20.80 4.23
CA ILE A 510 5.57 20.59 2.79
C ILE A 510 6.67 19.58 2.46
N ARG A 511 6.27 18.38 2.05
CA ARG A 511 7.25 17.36 1.70
C ARG A 511 7.44 17.40 0.19
N ILE A 512 8.69 17.56 -0.25
CA ILE A 512 9.01 17.62 -1.67
C ILE A 512 9.87 16.44 -2.14
N ILE A 513 9.52 15.90 -3.31
CA ILE A 513 10.25 14.80 -3.92
C ILE A 513 10.55 15.20 -5.35
N THR A 514 11.83 15.45 -5.66
CA THR A 514 12.19 15.84 -7.01
C THR A 514 12.98 14.75 -7.71
N LEU A 515 12.50 14.35 -8.88
CA LEU A 515 13.12 13.30 -9.68
C LEU A 515 13.59 13.84 -11.02
N ALA A 516 14.80 13.46 -11.43
CA ALA A 516 15.33 13.89 -12.71
C ALA A 516 15.58 12.70 -13.61
N MET A 517 15.11 12.78 -14.84
CA MET A 517 15.27 11.70 -15.80
C MET A 517 15.86 12.17 -17.11
N PRO A 518 16.79 11.40 -17.68
CA PRO A 518 17.42 11.77 -18.95
C PRO A 518 16.41 11.51 -20.05
N THR A 519 16.45 12.32 -21.11
CA THR A 519 15.56 12.13 -22.24
C THR A 519 16.40 11.41 -23.28
N THR A 520 15.75 10.80 -24.26
CA THR A 520 16.47 10.04 -25.29
C THR A 520 15.56 9.90 -26.50
N GLU A 521 16.14 9.61 -27.64
CA GLU A 521 15.34 9.42 -28.85
C GLU A 521 15.56 8.01 -29.36
N SER A 522 16.29 7.23 -28.57
CA SER A 522 16.59 5.85 -28.88
C SER A 522 15.61 4.90 -28.21
N LEU A 523 14.86 4.19 -29.04
CA LEU A 523 13.88 3.23 -28.54
C LEU A 523 14.63 2.18 -27.74
N ALA A 524 15.86 1.90 -28.15
CA ALA A 524 16.66 0.91 -27.43
C ALA A 524 16.87 1.42 -26.01
N GLU A 525 17.25 2.69 -25.90
CA GLU A 525 17.51 3.30 -24.60
C GLU A 525 16.27 3.40 -23.70
N VAL A 526 15.09 3.58 -24.29
CA VAL A 526 13.87 3.65 -23.50
C VAL A 526 13.63 2.30 -22.83
N TYR A 527 13.75 1.22 -23.61
CA TYR A 527 13.55 -0.12 -23.09
C TYR A 527 14.63 -0.46 -22.07
N ALA A 528 15.87 -0.11 -22.39
CA ALA A 528 17.00 -0.40 -21.50
C ALA A 528 16.84 0.17 -20.10
N SER A 529 16.07 1.23 -19.97
CA SER A 529 15.85 1.86 -18.67
C SER A 529 14.46 1.65 -18.09
N ALA A 530 13.66 0.80 -18.75
CA ALA A 530 12.31 0.51 -18.28
C ALA A 530 12.32 -0.17 -16.90
N ASP A 531 11.41 0.30 -16.03
CA ASP A 531 11.29 -0.26 -14.68
C ASP A 531 10.19 -1.32 -14.68
N GLN A 532 10.59 -2.57 -14.88
CA GLN A 532 9.66 -3.69 -14.94
C GLN A 532 8.63 -3.73 -13.80
N LEU A 533 9.07 -3.51 -12.56
CA LEU A 533 8.16 -3.52 -11.41
C LEU A 533 7.21 -2.33 -11.36
N ALA A 534 7.70 -1.14 -11.68
CA ALA A 534 6.84 0.04 -11.68
C ALA A 534 5.80 -0.14 -12.79
N ILE A 535 6.27 -0.65 -13.93
CA ILE A 535 5.39 -0.91 -15.06
C ILE A 535 4.36 -1.98 -14.69
N ALA A 536 4.80 -2.99 -13.95
CA ALA A 536 3.90 -4.07 -13.53
C ALA A 536 2.80 -3.41 -12.70
N SER A 537 3.22 -2.49 -11.83
CA SER A 537 2.32 -1.76 -10.95
C SER A 537 1.32 -0.95 -11.78
N PHE A 538 1.82 -0.31 -12.82
CA PHE A 538 1.00 0.51 -13.70
C PHE A 538 -0.18 -0.32 -14.23
N TYR A 539 0.14 -1.45 -14.87
CA TYR A 539 -0.88 -2.30 -15.45
C TYR A 539 -1.79 -2.95 -14.41
N ASN A 540 -1.27 -3.08 -13.20
CA ASN A 540 -2.04 -3.64 -12.08
C ASN A 540 -3.18 -2.66 -11.78
N SER A 541 -2.86 -1.38 -11.74
CA SER A 541 -3.86 -0.33 -11.47
C SER A 541 -4.84 -0.22 -12.63
N LYS A 542 -4.32 -0.25 -13.86
CA LYS A 542 -5.17 -0.17 -15.04
C LYS A 542 -6.11 -1.37 -15.04
N ALA A 543 -5.61 -2.51 -14.59
CA ALA A 543 -6.39 -3.74 -14.52
C ALA A 543 -7.51 -3.62 -13.49
N VAL A 544 -7.18 -3.06 -12.33
CA VAL A 544 -8.17 -2.90 -11.27
C VAL A 544 -9.29 -1.98 -11.73
N GLU A 545 -8.91 -0.91 -12.41
CA GLU A 545 -9.88 0.04 -12.94
C GLU A 545 -10.76 -0.67 -13.98
N LYS A 546 -10.12 -1.35 -14.92
CA LYS A 546 -10.84 -2.06 -15.96
C LYS A 546 -11.77 -3.08 -15.33
N ALA A 547 -11.34 -3.67 -14.22
CA ALA A 547 -12.14 -4.66 -13.51
C ALA A 547 -13.23 -3.97 -12.70
N LEU A 548 -12.83 -3.16 -11.74
CA LEU A 548 -13.76 -2.43 -10.87
C LEU A 548 -14.64 -1.46 -11.64
N ASN A 549 -14.70 -1.59 -12.96
CA ASN A 549 -15.53 -0.68 -13.74
C ASN A 549 -16.12 -1.30 -15.00
N SER A 550 -15.33 -2.11 -15.69
CA SER A 550 -15.77 -2.75 -16.92
C SER A 550 -16.12 -4.23 -16.72
N SER A 551 -15.16 -5.10 -17.02
CA SER A 551 -15.36 -6.53 -16.88
C SER A 551 -14.15 -7.19 -16.22
N LEU A 552 -14.36 -8.36 -15.64
CA LEU A 552 -13.25 -9.06 -15.02
C LEU A 552 -12.42 -9.64 -16.16
N ASP A 553 -13.09 -10.18 -17.17
CA ASP A 553 -12.41 -10.75 -18.33
C ASP A 553 -11.60 -9.69 -19.05
N ASP A 554 -12.20 -8.51 -19.22
CA ASP A 554 -11.54 -7.38 -19.86
C ASP A 554 -10.22 -7.04 -19.17
N ALA A 555 -10.20 -7.17 -17.83
CA ALA A 555 -9.00 -6.89 -17.07
C ALA A 555 -7.96 -7.95 -17.43
N ARG A 556 -8.41 -9.18 -17.55
CA ARG A 556 -7.51 -10.26 -17.93
C ARG A 556 -6.96 -9.97 -19.31
N VAL A 557 -7.84 -9.57 -20.21
CA VAL A 557 -7.46 -9.24 -21.57
C VAL A 557 -6.41 -8.12 -21.58
N LEU A 558 -6.64 -7.11 -20.76
CA LEU A 558 -5.72 -5.98 -20.67
C LEU A 558 -4.35 -6.45 -20.17
N ILE A 559 -4.35 -7.23 -19.09
CA ILE A 559 -3.10 -7.73 -18.52
C ILE A 559 -2.28 -8.43 -19.57
N ASN A 560 -2.87 -9.42 -20.24
CA ASN A 560 -2.17 -10.19 -21.26
C ASN A 560 -1.67 -9.32 -22.40
N LYS A 561 -2.50 -8.37 -22.83
CA LYS A 561 -2.08 -7.51 -23.91
C LYS A 561 -0.84 -6.69 -23.54
N SER A 562 -0.75 -6.25 -22.29
CA SER A 562 0.41 -5.47 -21.89
C SER A 562 1.69 -6.23 -22.25
N VAL A 563 1.67 -7.55 -22.04
CA VAL A 563 2.81 -8.41 -22.35
C VAL A 563 2.95 -8.61 -23.86
N GLN A 564 1.85 -8.89 -24.53
CA GLN A 564 1.89 -9.12 -25.96
C GLN A 564 2.44 -7.92 -26.71
N ASP A 565 1.91 -6.74 -26.41
CA ASP A 565 2.37 -5.54 -27.08
C ASP A 565 3.85 -5.27 -26.85
N ILE A 566 4.31 -5.42 -25.61
CA ILE A 566 5.71 -5.19 -25.34
C ILE A 566 6.59 -6.22 -26.05
N LEU A 567 6.16 -7.48 -26.04
CA LEU A 567 6.93 -8.54 -26.71
C LEU A 567 6.94 -8.35 -28.21
N ALA A 568 5.80 -7.94 -28.76
CA ALA A 568 5.68 -7.72 -30.19
C ALA A 568 6.49 -6.50 -30.59
N THR A 569 6.49 -5.50 -29.72
CA THR A 569 7.23 -4.25 -29.99
C THR A 569 8.74 -4.45 -29.92
N TYR A 570 9.20 -5.12 -28.86
CA TYR A 570 10.63 -5.35 -28.72
C TYR A 570 11.12 -6.13 -29.94
N LYS A 571 10.30 -7.07 -30.39
CA LYS A 571 10.61 -7.92 -31.54
C LYS A 571 10.75 -7.18 -32.86
N LYS A 572 9.75 -6.37 -33.20
CA LYS A 572 9.77 -5.64 -34.45
C LYS A 572 10.66 -4.41 -34.45
N GLU A 573 10.69 -3.70 -33.33
CA GLU A 573 11.49 -2.48 -33.22
C GLU A 573 12.98 -2.63 -32.97
N ILE A 574 13.40 -3.83 -32.57
CA ILE A 574 14.81 -4.06 -32.31
C ILE A 574 15.27 -5.26 -33.15
N VAL A 575 16.52 -5.27 -33.60
CA VAL A 575 17.00 -6.36 -34.44
C VAL A 575 17.55 -7.58 -33.70
N ALA A 580 20.87 -15.51 -36.95
CA ALA A 580 21.80 -15.65 -35.82
C ALA A 580 21.41 -16.80 -34.90
N GLY A 581 20.12 -17.11 -34.85
CA GLY A 581 19.67 -18.19 -34.01
C GLY A 581 18.53 -18.96 -34.63
N GLY A 582 17.63 -19.45 -33.79
CA GLY A 582 16.51 -20.21 -34.30
C GLY A 582 15.15 -19.59 -34.04
N ALA A 583 14.64 -19.75 -32.82
CA ALA A 583 13.34 -19.19 -32.46
C ALA A 583 13.28 -18.76 -31.01
N PRO A 584 13.97 -17.67 -30.66
CA PRO A 584 13.94 -17.20 -29.28
C PRO A 584 12.73 -16.30 -29.06
N LEU A 585 12.44 -16.00 -27.80
CA LEU A 585 11.36 -15.06 -27.50
C LEU A 585 12.20 -13.93 -26.92
N ARG A 586 12.48 -12.94 -27.75
CA ARG A 586 13.32 -11.81 -27.37
C ARG A 586 12.78 -10.79 -26.38
N LEU A 587 13.71 -10.24 -25.60
CA LEU A 587 13.42 -9.21 -24.60
C LEU A 587 14.73 -8.81 -23.92
N CYS A 588 14.72 -7.74 -23.14
CA CYS A 588 15.94 -7.31 -22.46
C CYS A 588 15.94 -7.70 -20.99
N ALA A 589 17.13 -7.84 -20.42
CA ALA A 589 17.30 -8.24 -19.01
C ALA A 589 16.43 -7.47 -18.02
N ASN A 590 16.42 -6.15 -18.11
CA ASN A 590 15.62 -5.35 -17.18
C ASN A 590 14.10 -5.52 -17.26
N LEU A 591 13.61 -6.23 -18.29
CA LEU A 591 12.16 -6.45 -18.42
C LEU A 591 11.82 -7.94 -18.28
N ARG A 592 12.86 -8.72 -18.05
CA ARG A 592 12.81 -10.17 -17.89
C ARG A 592 11.77 -10.74 -16.92
N MET A 593 11.27 -9.92 -16.00
CA MET A 593 10.29 -10.40 -15.05
C MET A 593 8.89 -9.93 -15.41
N PHE A 594 8.78 -9.02 -16.36
CA PHE A 594 7.48 -8.50 -16.75
C PHE A 594 6.48 -9.56 -17.21
N PRO A 595 6.87 -10.43 -18.15
CA PRO A 595 5.94 -11.47 -18.61
C PRO A 595 5.40 -12.32 -17.44
N LEU A 596 6.31 -12.70 -16.54
CA LEU A 596 5.96 -13.51 -15.39
C LEU A 596 4.96 -12.82 -14.45
N LEU A 597 5.25 -11.58 -14.09
CA LEU A 597 4.38 -10.82 -13.21
C LEU A 597 2.95 -10.67 -13.73
N MET A 598 2.79 -10.22 -14.96
CA MET A 598 1.46 -10.05 -15.54
C MET A 598 0.74 -11.40 -15.61
N HIS A 599 1.42 -12.39 -16.16
CA HIS A 599 0.82 -13.71 -16.23
C HIS A 599 0.41 -14.13 -14.81
N SER A 600 1.32 -13.97 -13.86
CA SER A 600 1.03 -14.32 -12.47
C SER A 600 -0.15 -13.51 -11.95
N LEU A 601 -0.23 -12.24 -12.37
CA LEU A 601 -1.32 -11.40 -11.91
C LEU A 601 -2.69 -11.94 -12.38
N THR A 602 -2.75 -12.51 -13.58
CA THR A 602 -4.03 -13.03 -14.10
C THR A 602 -4.52 -14.23 -13.30
N LYS A 603 -3.64 -14.78 -12.46
CA LYS A 603 -4.04 -15.91 -11.64
C LYS A 603 -4.39 -15.45 -10.21
N HIS A 604 -4.07 -14.20 -9.90
CA HIS A 604 -4.36 -13.66 -8.57
C HIS A 604 -5.88 -13.69 -8.29
N MET A 605 -6.23 -13.82 -7.01
CA MET A 605 -7.63 -13.87 -6.62
C MET A 605 -8.42 -12.68 -7.15
N ALA A 606 -7.72 -11.58 -7.40
CA ALA A 606 -8.37 -10.37 -7.89
C ALA A 606 -8.87 -10.51 -9.33
N PHE A 607 -8.10 -11.21 -10.17
CA PHE A 607 -8.49 -11.32 -11.57
C PHE A 607 -8.78 -12.73 -12.07
N ARG A 608 -8.65 -13.72 -11.20
CA ARG A 608 -8.91 -15.11 -11.58
C ARG A 608 -10.16 -15.32 -12.41
N SER A 609 -10.05 -16.19 -13.40
CA SER A 609 -11.22 -16.54 -14.18
C SER A 609 -11.84 -17.56 -13.21
N GLY A 610 -13.13 -17.79 -13.32
CA GLY A 610 -13.71 -18.76 -12.41
C GLY A 610 -14.50 -18.12 -11.28
N ILE A 611 -14.66 -18.87 -10.19
CA ILE A 611 -15.45 -18.39 -9.08
C ILE A 611 -14.71 -17.97 -7.82
N VAL A 612 -14.99 -16.74 -7.41
CA VAL A 612 -14.42 -16.17 -6.20
C VAL A 612 -15.52 -15.36 -5.52
N PRO A 613 -15.78 -15.64 -4.24
CA PRO A 613 -16.81 -14.90 -3.50
C PRO A 613 -16.63 -13.39 -3.65
N SER A 614 -17.75 -12.70 -3.86
CA SER A 614 -17.73 -11.26 -4.04
C SER A 614 -16.86 -10.47 -3.05
N ASP A 615 -16.95 -10.78 -1.76
CA ASP A 615 -16.14 -10.07 -0.76
C ASP A 615 -14.65 -10.37 -0.91
N HIS A 616 -14.30 -11.63 -1.14
CA HIS A 616 -12.91 -12.02 -1.29
C HIS A 616 -12.29 -11.36 -2.54
N ARG A 617 -13.13 -11.08 -3.53
CA ARG A 617 -12.66 -10.47 -4.77
C ARG A 617 -12.48 -8.97 -4.63
N ALA A 618 -13.51 -8.31 -4.09
CA ALA A 618 -13.46 -6.86 -3.88
C ALA A 618 -12.26 -6.54 -3.00
N SER A 619 -12.08 -7.36 -1.97
CA SER A 619 -10.99 -7.23 -1.01
C SER A 619 -9.63 -7.35 -1.70
N ALA A 620 -9.49 -8.40 -2.50
CA ALA A 620 -8.25 -8.62 -3.23
C ALA A 620 -7.97 -7.43 -4.14
N LEU A 621 -9.01 -6.95 -4.81
CA LEU A 621 -8.86 -5.80 -5.70
C LEU A 621 -8.50 -4.56 -4.92
N ASN A 622 -9.14 -4.37 -3.78
CA ASN A 622 -8.86 -3.19 -2.94
C ASN A 622 -7.43 -3.18 -2.47
N ASN A 623 -6.90 -4.37 -2.17
CA ASN A 623 -5.53 -4.50 -1.68
C ASN A 623 -4.49 -4.25 -2.77
N LEU A 624 -4.64 -4.91 -3.90
CA LEU A 624 -3.70 -4.73 -4.99
C LEU A 624 -3.56 -3.26 -5.40
N GLU A 625 -4.65 -2.51 -5.30
CA GLU A 625 -4.62 -1.12 -5.74
C GLU A 625 -3.94 -0.15 -4.80
N SER A 626 -3.75 -0.53 -3.54
CA SER A 626 -3.15 0.38 -2.56
C SER A 626 -1.88 -0.12 -1.89
N LEU A 627 -1.48 -1.34 -2.22
CA LEU A 627 -0.30 -1.94 -1.62
C LEU A 627 1.00 -1.26 -2.08
N PRO A 628 1.99 -1.15 -1.19
CA PRO A 628 3.26 -0.52 -1.56
C PRO A 628 3.89 -1.45 -2.58
N LEU A 629 4.59 -0.89 -3.56
CA LEU A 629 5.21 -1.71 -4.60
C LEU A 629 5.78 -3.04 -4.07
N LYS A 630 6.74 -2.93 -3.16
CA LYS A 630 7.38 -4.09 -2.56
C LYS A 630 6.41 -5.23 -2.18
N TYR A 631 5.26 -4.89 -1.62
CA TYR A 631 4.30 -5.92 -1.23
C TYR A 631 3.35 -6.29 -2.36
N LEU A 632 3.18 -5.41 -3.33
CA LEU A 632 2.32 -5.73 -4.46
C LEU A 632 2.95 -6.87 -5.22
N ILE A 633 4.25 -6.74 -5.47
CA ILE A 633 4.99 -7.76 -6.20
C ILE A 633 4.93 -9.10 -5.48
N LYS A 634 5.09 -9.07 -4.16
CA LYS A 634 5.07 -10.31 -3.38
C LYS A 634 3.65 -10.91 -3.31
N ASN A 635 2.63 -10.06 -3.46
CA ASN A 635 1.26 -10.52 -3.42
C ASN A 635 0.91 -11.18 -4.75
N ILE A 636 1.63 -10.79 -5.80
CA ILE A 636 1.41 -11.35 -7.12
C ILE A 636 2.25 -12.61 -7.31
N TYR A 637 3.53 -12.53 -6.92
CA TYR A 637 4.43 -13.65 -7.02
C TYR A 637 5.05 -13.82 -5.62
N PRO A 638 4.67 -14.91 -4.93
CA PRO A 638 5.09 -15.26 -3.57
C PRO A 638 6.53 -15.69 -3.37
N ASP A 639 7.01 -15.47 -2.15
CA ASP A 639 8.35 -15.90 -1.78
C ASP A 639 8.11 -17.32 -1.27
N VAL A 640 8.85 -18.27 -1.81
CA VAL A 640 8.71 -19.66 -1.39
C VAL A 640 10.03 -20.14 -0.83
N TYR A 641 9.99 -20.75 0.34
CA TYR A 641 11.19 -21.23 0.99
C TYR A 641 11.28 -22.74 1.17
N SER A 642 12.43 -23.29 0.78
CA SER A 642 12.72 -24.72 0.90
C SER A 642 13.49 -24.85 2.22
N LEU A 643 12.77 -25.17 3.29
CA LEU A 643 13.34 -25.27 4.63
C LEU A 643 14.16 -26.52 4.99
N HIS A 644 13.70 -27.71 4.58
CA HIS A 644 14.41 -28.94 4.92
C HIS A 644 15.90 -28.95 4.55
N ASP A 645 16.26 -28.31 3.44
CA ASP A 645 17.65 -28.25 3.00
C ASP A 645 18.18 -26.81 3.17
N MET A 646 17.62 -26.13 4.17
CA MET A 646 17.95 -24.75 4.49
C MET A 646 19.43 -24.56 4.92
N ALA A 647 20.10 -23.57 4.36
CA ALA A 647 21.48 -23.28 4.72
C ALA A 647 21.54 -23.05 6.22
N ASP A 648 22.67 -23.34 6.85
CA ASP A 648 22.83 -23.19 8.31
C ASP A 648 22.70 -21.78 8.87
N GLU A 649 23.01 -20.77 8.07
CA GLU A 649 22.89 -19.39 8.55
C GLU A 649 21.40 -19.07 8.72
N ALA A 650 20.60 -19.55 7.78
CA ALA A 650 19.15 -19.33 7.75
C ALA A 650 18.42 -19.77 9.01
N GLY A 651 17.49 -18.94 9.45
CA GLY A 651 16.71 -19.23 10.65
C GLY A 651 17.37 -18.64 11.89
N LEU A 652 18.59 -18.15 11.72
CA LEU A 652 19.36 -17.58 12.82
C LEU A 652 19.68 -16.10 12.61
N PRO A 653 20.05 -15.38 13.69
CA PRO A 653 20.39 -13.95 13.62
C PRO A 653 21.55 -13.68 12.66
N VAL A 654 21.84 -12.41 12.44
CA VAL A 654 22.91 -11.98 11.54
C VAL A 654 24.21 -11.64 12.26
N GLY A 663 18.74 -8.27 16.09
CA GLY A 663 17.86 -9.41 16.26
C GLY A 663 17.04 -9.77 15.03
N THR A 664 17.58 -9.49 13.84
CA THR A 664 16.90 -9.79 12.57
C THR A 664 17.33 -11.16 12.08
N ILE A 665 16.36 -12.00 11.74
CA ILE A 665 16.65 -13.34 11.26
C ILE A 665 17.05 -13.38 9.79
N VAL A 666 17.96 -14.29 9.47
CA VAL A 666 18.43 -14.49 8.11
C VAL A 666 17.44 -15.41 7.42
N LEU A 667 17.02 -15.03 6.22
CA LEU A 667 16.06 -15.82 5.48
C LEU A 667 16.74 -16.64 4.39
N PRO A 668 16.19 -17.84 4.09
CA PRO A 668 16.78 -18.68 3.05
C PRO A 668 16.54 -17.96 1.73
N GLN A 669 17.24 -18.33 0.68
CA GLN A 669 17.03 -17.68 -0.61
C GLN A 669 15.73 -18.26 -1.17
N PRO A 670 14.86 -17.41 -1.73
CA PRO A 670 13.58 -17.84 -2.30
C PRO A 670 13.72 -18.73 -3.53
N ILE A 671 12.85 -19.73 -3.66
CA ILE A 671 12.86 -20.63 -4.81
C ILE A 671 11.68 -20.30 -5.72
N ASN A 672 11.69 -20.82 -6.94
CA ASN A 672 10.61 -20.55 -7.86
C ASN A 672 9.27 -21.06 -7.35
N ALA A 673 8.22 -20.28 -7.61
CA ALA A 673 6.87 -20.63 -7.18
C ALA A 673 6.26 -21.71 -8.08
N THR A 674 6.71 -22.95 -7.90
CA THR A 674 6.20 -24.05 -8.70
C THR A 674 6.23 -25.35 -7.92
N SER A 675 5.19 -26.17 -8.10
CA SER A 675 5.14 -27.43 -7.39
C SER A 675 6.25 -28.36 -7.90
N SER A 676 6.87 -28.00 -9.02
CA SER A 676 7.96 -28.79 -9.59
C SER A 676 9.09 -28.99 -8.62
N LEU A 677 9.35 -27.99 -7.79
CA LEU A 677 10.44 -28.05 -6.82
C LEU A 677 10.01 -28.58 -5.45
N PHE A 678 8.75 -28.97 -5.31
CA PHE A 678 8.27 -29.49 -4.04
C PHE A 678 8.49 -31.01 -3.90
N GLU A 679 9.60 -31.39 -3.28
CA GLU A 679 9.90 -32.80 -3.08
C GLU A 679 8.90 -33.33 -2.07
N ARG A 680 8.47 -34.57 -2.25
CA ARG A 680 7.48 -35.17 -1.36
C ARG A 680 8.02 -35.39 0.05
N TYR A 681 9.31 -35.16 0.25
CA TYR A 681 9.91 -35.34 1.56
C TYR A 681 10.46 -34.03 2.10
N GLY A 682 10.11 -32.92 1.45
CA GLY A 682 10.63 -31.63 1.87
C GLY A 682 9.72 -30.80 2.74
N LEU A 683 10.23 -29.66 3.19
CA LEU A 683 9.46 -28.73 4.01
C LEU A 683 9.55 -27.38 3.33
N TYR A 684 8.41 -26.78 3.04
CA TYR A 684 8.40 -25.49 2.37
C TYR A 684 7.47 -24.48 3.05
N LEU A 685 7.87 -23.21 2.97
CA LEU A 685 7.14 -22.09 3.56
C LEU A 685 6.78 -21.11 2.44
N ILE A 686 5.48 -20.86 2.28
CA ILE A 686 5.01 -19.96 1.24
C ILE A 686 4.51 -18.64 1.82
N ASP A 687 5.07 -17.53 1.34
CA ASP A 687 4.63 -16.21 1.81
C ASP A 687 4.09 -15.45 0.60
N ASN A 688 2.80 -15.09 0.66
CA ASN A 688 2.14 -14.37 -0.41
C ASN A 688 1.69 -12.98 0.04
N GLY A 689 2.23 -12.50 1.16
CA GLY A 689 1.85 -11.20 1.65
C GLY A 689 0.51 -11.17 2.39
N ASN A 690 -0.29 -12.21 2.22
CA ASN A 690 -1.61 -12.28 2.86
C ASN A 690 -1.63 -13.36 3.96
N GLU A 691 -1.02 -14.49 3.65
CA GLU A 691 -0.94 -15.60 4.60
C GLU A 691 0.40 -16.29 4.44
N LEU A 692 0.64 -17.26 5.31
CA LEU A 692 1.85 -18.05 5.27
C LEU A 692 1.36 -19.49 5.22
N PHE A 693 1.95 -20.30 4.34
CA PHE A 693 1.57 -21.70 4.25
C PHE A 693 2.81 -22.53 4.51
N LEU A 694 2.75 -23.40 5.53
CA LEU A 694 3.86 -24.28 5.80
C LEU A 694 3.43 -25.63 5.23
N TRP A 695 4.12 -26.04 4.17
CA TRP A 695 3.82 -27.28 3.45
C TRP A 695 4.86 -28.35 3.77
N MET A 696 4.42 -29.44 4.40
CA MET A 696 5.33 -30.52 4.72
C MET A 696 4.98 -31.74 3.87
N GLY A 697 5.95 -32.22 3.11
CA GLY A 697 5.74 -33.36 2.25
C GLY A 697 5.19 -34.57 3.01
N GLY A 698 4.36 -35.36 2.33
CA GLY A 698 3.77 -36.52 2.96
C GLY A 698 4.77 -37.63 3.27
N ASP A 699 5.88 -37.65 2.54
CA ASP A 699 6.90 -38.67 2.75
C ASP A 699 8.11 -38.11 3.49
N ALA A 700 7.87 -37.13 4.36
CA ALA A 700 8.94 -36.53 5.13
C ALA A 700 9.45 -37.53 6.16
N VAL A 701 10.77 -37.56 6.35
CA VAL A 701 11.38 -38.47 7.30
C VAL A 701 10.88 -38.17 8.71
N PRO A 702 10.68 -39.22 9.53
CA PRO A 702 10.20 -39.04 10.90
C PRO A 702 11.06 -38.05 11.67
N ALA A 703 12.34 -37.99 11.30
CA ALA A 703 13.28 -37.08 11.96
C ALA A 703 12.84 -35.64 11.70
N LEU A 704 12.48 -35.35 10.45
CA LEU A 704 12.02 -34.02 10.08
C LEU A 704 10.68 -33.74 10.77
N VAL A 705 9.72 -34.66 10.61
CA VAL A 705 8.41 -34.48 11.24
C VAL A 705 8.60 -34.20 12.74
N PHE A 706 9.57 -34.90 13.32
CA PHE A 706 9.88 -34.75 14.74
C PHE A 706 10.49 -33.38 15.04
N ASP A 707 11.58 -33.06 14.33
CA ASP A 707 12.27 -31.79 14.52
C ASP A 707 11.36 -30.56 14.46
N VAL A 708 10.20 -30.68 13.82
CA VAL A 708 9.32 -29.54 13.70
C VAL A 708 8.07 -29.53 14.58
N PHE A 709 7.40 -30.67 14.73
CA PHE A 709 6.18 -30.70 15.53
C PHE A 709 6.19 -31.52 16.83
N GLY A 710 7.21 -32.36 17.02
CA GLY A 710 7.25 -33.16 18.24
C GLY A 710 7.01 -34.65 18.07
N THR A 711 6.11 -35.03 17.17
CA THR A 711 5.80 -36.44 16.92
C THR A 711 6.62 -36.90 15.72
N GLN A 712 6.36 -38.11 15.27
CA GLN A 712 7.05 -38.66 14.11
C GLN A 712 5.98 -39.09 13.13
N ASP A 713 4.73 -39.05 13.59
CA ASP A 713 3.60 -39.41 12.77
C ASP A 713 3.16 -38.16 12.02
N ILE A 714 3.46 -38.10 10.73
CA ILE A 714 3.10 -36.93 9.95
C ILE A 714 1.59 -36.74 9.94
N PHE A 715 0.84 -37.83 10.09
CA PHE A 715 -0.62 -37.75 10.11
C PHE A 715 -1.10 -37.26 11.47
N ASP A 716 -0.15 -37.03 12.37
CA ASP A 716 -0.44 -36.57 13.72
C ASP A 716 -0.08 -35.09 13.82
N ILE A 717 0.23 -34.50 12.67
CA ILE A 717 0.63 -33.10 12.58
C ILE A 717 -0.55 -32.12 12.63
N PRO A 718 -0.32 -30.92 13.17
CA PRO A 718 -1.38 -29.90 13.26
C PRO A 718 -1.78 -29.53 11.83
N ILE A 719 -3.08 -29.33 11.61
CA ILE A 719 -3.58 -29.00 10.28
C ILE A 719 -4.44 -27.76 10.28
N GLY A 720 -4.24 -26.92 9.28
CA GLY A 720 -5.03 -25.70 9.16
C GLY A 720 -4.38 -24.45 9.74
N LYS A 721 -5.22 -23.49 10.12
CA LYS A 721 -4.75 -22.23 10.66
C LYS A 721 -4.25 -22.42 12.10
N GLN A 722 -2.96 -22.74 12.23
CA GLN A 722 -2.38 -22.96 13.53
C GLN A 722 -0.90 -22.64 13.56
N GLU A 723 -0.42 -22.28 14.74
CA GLU A 723 0.97 -21.93 14.94
C GLU A 723 1.83 -23.16 15.10
N ILE A 724 3.13 -22.97 14.96
CA ILE A 724 4.08 -24.05 15.10
C ILE A 724 4.47 -24.16 16.57
N PRO A 725 4.36 -25.38 17.14
CA PRO A 725 4.69 -25.67 18.54
C PRO A 725 6.15 -25.42 18.89
N VAL A 726 6.39 -25.12 20.16
CA VAL A 726 7.74 -24.90 20.64
C VAL A 726 8.29 -26.27 21.04
N VAL A 727 9.17 -26.82 20.22
CA VAL A 727 9.76 -28.13 20.47
C VAL A 727 11.13 -27.98 21.13
N GLU A 728 11.17 -28.20 22.45
CA GLU A 728 12.41 -28.07 23.21
C GLU A 728 13.54 -28.94 22.70
N ASN A 729 14.75 -28.40 22.77
CA ASN A 729 15.95 -29.10 22.34
C ASN A 729 16.05 -29.27 20.84
N SER A 730 15.12 -28.66 20.11
CA SER A 730 15.15 -28.75 18.65
C SER A 730 15.60 -27.40 18.09
N GLU A 731 16.86 -27.33 17.68
CA GLU A 731 17.39 -26.09 17.15
C GLU A 731 16.71 -25.78 15.81
N PHE A 732 16.33 -26.83 15.08
CA PHE A 732 15.65 -26.63 13.80
C PHE A 732 14.29 -25.98 14.09
N ASN A 733 13.57 -26.52 15.06
CA ASN A 733 12.27 -25.97 15.43
C ASN A 733 12.37 -24.49 15.75
N GLN A 734 13.49 -24.08 16.32
CA GLN A 734 13.71 -22.69 16.68
C GLN A 734 13.90 -21.82 15.43
N ARG A 735 14.72 -22.31 14.50
CA ARG A 735 14.98 -21.60 13.26
C ARG A 735 13.74 -21.45 12.39
N VAL A 736 12.82 -22.42 12.49
CA VAL A 736 11.58 -22.37 11.72
C VAL A 736 10.69 -21.29 12.31
N ARG A 737 10.53 -21.30 13.62
CA ARG A 737 9.74 -20.29 14.29
C ARG A 737 10.39 -18.91 14.11
N ASN A 738 11.71 -18.90 13.92
CA ASN A 738 12.44 -17.64 13.70
C ASN A 738 12.11 -17.04 12.34
N ILE A 739 12.11 -17.89 11.32
CA ILE A 739 11.82 -17.44 9.95
C ILE A 739 10.37 -16.95 9.82
N ILE A 740 9.46 -17.61 10.52
CA ILE A 740 8.05 -17.25 10.48
C ILE A 740 7.81 -15.94 11.20
N ASN A 741 8.54 -15.72 12.29
CA ASN A 741 8.38 -14.49 13.05
C ASN A 741 8.99 -13.30 12.30
N GLN A 742 10.07 -13.56 11.59
CA GLN A 742 10.75 -12.53 10.81
C GLN A 742 9.85 -12.09 9.67
N LEU A 743 9.22 -13.07 9.03
CA LEU A 743 8.31 -12.79 7.91
C LEU A 743 7.10 -11.99 8.40
N ARG A 744 6.88 -11.96 9.70
CA ARG A 744 5.76 -11.23 10.27
C ARG A 744 6.07 -9.80 10.73
N ASN A 745 7.33 -9.41 10.81
CA ASN A 745 7.53 -8.03 11.24
C ASN A 745 7.95 -7.08 10.13
N HIS A 746 7.17 -6.02 10.03
CA HIS A 746 7.37 -4.98 9.05
C HIS A 746 7.03 -3.71 9.80
N ASP A 747 7.78 -2.64 9.57
CA ASP A 747 7.51 -1.37 10.23
C ASP A 747 6.82 -0.45 9.24
N ASP A 748 6.37 -1.03 8.12
CA ASP A 748 5.72 -0.26 7.08
C ASP A 748 4.28 -0.67 6.74
N VAL A 749 3.84 -1.84 7.21
CA VAL A 749 2.46 -2.32 7.02
C VAL A 749 1.92 -2.95 8.31
N ILE A 750 0.59 -3.05 8.43
CA ILE A 750 -0.06 -3.61 9.61
C ILE A 750 -0.27 -5.12 9.52
N THR A 751 -0.17 -5.65 8.32
CA THR A 751 -0.40 -7.07 8.06
C THR A 751 0.22 -8.10 9.02
N TYR A 752 -0.62 -8.98 9.52
CA TYR A 752 -0.19 -10.08 10.39
C TYR A 752 -0.66 -11.30 9.64
N GLN A 753 0.26 -12.09 9.15
CA GLN A 753 -0.10 -13.26 8.37
C GLN A 753 -0.33 -14.53 9.16
N SER A 754 -1.54 -15.06 9.07
CA SER A 754 -1.90 -16.30 9.75
C SER A 754 -1.11 -17.44 9.12
N LEU A 755 -0.77 -18.45 9.92
CA LEU A 755 -0.02 -19.59 9.41
C LEU A 755 -0.93 -20.79 9.14
N TYR A 756 -0.80 -21.37 7.95
CA TYR A 756 -1.59 -22.53 7.59
C TYR A 756 -0.62 -23.68 7.37
N ILE A 757 -0.85 -24.78 8.08
CA ILE A 757 0.01 -25.93 7.95
C ILE A 757 -0.66 -26.97 7.07
N VAL A 758 0.06 -27.42 6.06
CA VAL A 758 -0.49 -28.38 5.13
C VAL A 758 0.40 -29.60 4.95
N ARG A 759 -0.23 -30.76 4.92
CA ARG A 759 0.46 -32.04 4.75
C ARG A 759 0.14 -32.55 3.34
N GLY A 760 1.14 -32.95 2.58
CA GLY A 760 0.88 -33.45 1.23
C GLY A 760 0.86 -34.96 1.16
N ALA A 761 0.86 -35.49 -0.07
CA ALA A 761 0.85 -36.94 -0.36
C ALA A 761 0.51 -37.85 0.82
N ALA A 772 -10.24 -34.36 6.76
CA ALA A 772 -10.04 -35.01 5.47
C ALA A 772 -10.33 -34.04 4.32
N ARG A 773 -11.56 -33.55 4.26
CA ARG A 773 -11.96 -32.61 3.22
C ARG A 773 -11.25 -31.28 3.46
N GLU A 774 -10.84 -31.07 4.70
CA GLU A 774 -10.13 -29.86 5.09
C GLU A 774 -8.70 -29.93 4.54
N VAL A 775 -8.11 -31.12 4.59
CA VAL A 775 -6.75 -31.33 4.11
C VAL A 775 -6.68 -31.13 2.60
N ALA A 776 -7.76 -31.50 1.91
CA ALA A 776 -7.82 -31.36 0.46
C ALA A 776 -7.95 -29.87 0.11
N THR A 777 -8.71 -29.15 0.92
CA THR A 777 -8.91 -27.73 0.72
C THR A 777 -7.60 -26.97 0.90
N LEU A 778 -6.86 -27.29 1.95
CA LEU A 778 -5.59 -26.63 2.23
C LEU A 778 -4.60 -26.84 1.09
N ARG A 779 -4.44 -28.08 0.66
CA ARG A 779 -3.53 -28.39 -0.43
C ARG A 779 -3.96 -27.61 -1.65
N LEU A 780 -5.26 -27.54 -1.86
CA LEU A 780 -5.79 -26.82 -3.00
C LEU A 780 -5.37 -25.37 -2.93
N TRP A 781 -5.61 -24.74 -1.78
CA TRP A 781 -5.27 -23.34 -1.59
C TRP A 781 -3.76 -23.09 -1.70
N ALA A 782 -2.98 -23.84 -0.95
CA ALA A 782 -1.54 -23.67 -0.99
C ALA A 782 -1.04 -23.84 -2.42
N SER A 783 -1.50 -24.88 -3.09
CA SER A 783 -1.11 -25.19 -4.46
C SER A 783 -1.44 -24.10 -5.47
N SER A 784 -2.51 -23.35 -5.22
CA SER A 784 -2.89 -22.29 -6.14
C SER A 784 -2.00 -21.06 -5.98
N THR A 785 -1.18 -21.04 -4.93
CA THR A 785 -0.31 -19.90 -4.71
C THR A 785 0.89 -20.01 -5.65
N LEU A 786 1.21 -21.23 -6.08
CA LEU A 786 2.35 -21.47 -6.97
C LEU A 786 1.97 -21.09 -8.41
N VAL A 787 1.82 -19.78 -8.60
CA VAL A 787 1.41 -19.19 -9.87
C VAL A 787 2.14 -19.58 -11.14
N GLU A 788 3.28 -20.24 -11.04
CA GLU A 788 4.04 -20.66 -12.23
C GLU A 788 3.45 -21.92 -12.84
N ASP A 789 2.59 -22.60 -12.10
CA ASP A 789 1.97 -23.85 -12.55
C ASP A 789 0.64 -23.69 -13.26
N LYS A 790 0.29 -24.75 -13.98
CA LYS A 790 -0.99 -24.81 -14.67
C LYS A 790 -1.95 -24.89 -13.49
N ILE A 791 -2.90 -23.97 -13.41
CA ILE A 791 -3.84 -23.99 -12.29
C ILE A 791 -5.28 -23.87 -12.75
N LEU A 792 -5.98 -24.99 -12.72
CA LEU A 792 -7.38 -25.05 -13.13
C LEU A 792 -7.51 -24.88 -14.64
N ASN A 793 -7.89 -23.68 -15.06
CA ASN A 793 -8.07 -23.40 -16.48
C ASN A 793 -7.07 -22.41 -17.02
N ASN A 794 -5.97 -22.23 -16.29
CA ASN A 794 -4.94 -21.31 -16.71
C ASN A 794 -3.70 -22.10 -17.01
N GLU A 795 -3.02 -21.76 -18.11
CA GLU A 795 -1.81 -22.48 -18.47
C GLU A 795 -0.67 -22.07 -17.56
N SER A 796 0.39 -22.87 -17.59
CA SER A 796 1.57 -22.63 -16.78
C SER A 796 2.35 -21.46 -17.37
N TYR A 797 3.36 -20.98 -16.66
CA TYR A 797 4.17 -19.88 -17.16
C TYR A 797 4.86 -20.36 -18.42
N ARG A 798 5.41 -21.57 -18.36
CA ARG A 798 6.08 -22.15 -19.52
C ARG A 798 5.21 -22.02 -20.77
N GLU A 799 3.97 -22.49 -20.68
CA GLU A 799 3.07 -22.43 -21.82
C GLU A 799 2.70 -21.00 -22.18
N PHE A 800 2.49 -20.16 -21.17
CA PHE A 800 2.15 -18.75 -21.38
C PHE A 800 3.14 -18.12 -22.38
N LEU A 801 4.42 -18.29 -22.11
CA LEU A 801 5.45 -17.76 -23.00
C LEU A 801 5.31 -18.33 -24.42
N GLN A 802 5.06 -19.64 -24.53
CA GLN A 802 4.89 -20.25 -25.84
C GLN A 802 3.68 -19.61 -26.54
N ILE A 803 2.60 -19.42 -25.79
CA ILE A 803 1.40 -18.80 -26.33
C ILE A 803 1.75 -17.40 -26.87
N MET A 804 2.54 -16.65 -26.12
CA MET A 804 2.93 -15.31 -26.54
C MET A 804 3.75 -15.36 -27.82
N LYS A 805 4.75 -16.24 -27.85
CA LYS A 805 5.60 -16.36 -29.02
C LYS A 805 4.78 -16.66 -30.28
N ALA A 806 3.80 -17.54 -30.15
CA ALA A 806 2.99 -17.89 -31.30
C ALA A 806 2.20 -16.68 -31.80
N ARG A 807 1.81 -15.82 -30.88
CA ARG A 807 1.01 -14.64 -31.22
C ARG A 807 1.77 -13.49 -31.89
N ILE A 808 3.01 -13.25 -31.47
CA ILE A 808 3.76 -12.17 -32.08
C ILE A 808 4.48 -12.66 -33.34
N SER A 809 3.88 -13.65 -33.99
CA SER A 809 4.46 -14.24 -35.20
C SER A 809 3.63 -14.00 -36.45
N LYS A 810 4.28 -14.15 -37.60
CA LYS A 810 3.63 -13.98 -38.89
C LYS A 810 3.49 -15.32 -39.60
N GLN B 1 -13.39 26.64 -7.78
CA GLN B 1 -12.80 25.48 -7.06
C GLN B 1 -11.35 25.26 -7.44
N LEU B 2 -11.03 25.43 -8.73
CA LEU B 2 -9.67 25.24 -9.21
C LEU B 2 -8.69 26.26 -8.64
N LYS B 3 -8.34 26.07 -7.37
CA LYS B 3 -7.40 26.92 -6.65
C LYS B 3 -7.20 26.36 -5.25
N ASP B 4 -5.94 26.11 -4.88
CA ASP B 4 -5.60 25.51 -3.60
C ASP B 4 -4.46 26.18 -2.83
N LEU B 5 -4.26 25.69 -1.61
CA LEU B 5 -3.23 26.18 -0.70
C LEU B 5 -1.81 25.81 -1.12
N GLU B 6 -1.66 24.70 -1.83
CA GLU B 6 -0.33 24.28 -2.25
C GLU B 6 0.20 25.11 -3.43
N SER B 7 -0.68 25.51 -4.34
CA SER B 7 -0.27 26.29 -5.52
C SER B 7 0.31 27.65 -5.15
N GLN B 8 -0.35 28.34 -4.22
CA GLN B 8 0.08 29.67 -3.80
C GLN B 8 0.08 30.60 -5.01
N ILE B 9 -1.05 30.66 -5.70
CA ILE B 9 -1.19 31.50 -6.87
C ILE B 9 -2.18 32.63 -6.64
ZN ZN C . 9.26 27.28 -13.44
#